data_1UMX
#
_entry.id   1UMX
#
_cell.length_a   141.638
_cell.length_b   141.638
_cell.length_c   187.394
_cell.angle_alpha   90.00
_cell.angle_beta   90.00
_cell.angle_gamma   120.00
#
_symmetry.space_group_name_H-M   'P 31 2 1'
#
loop_
_entity.id
_entity.type
_entity.pdbx_description
1 polymer 'REACTION CENTER PROTEIN H CHAIN'
2 polymer 'REACTION CENTER PROTEIN L CHAIN'
3 polymer 'REACTION CENTER PROTEIN M CHAIN'
4 non-polymer 'LAURYL DIMETHYLAMINE-N-OXIDE'
5 non-polymer 'BACTERIOCHLOROPHYLL A'
6 non-polymer 'BACTERIOPHEOPHYTIN B'
7 non-polymer 'FE (III) ION'
8 non-polymer SPEROIDENONE
9 non-polymer UBIQUINONE-10
10 non-polymer 'PHOSPHATE ION'
11 water water
#
loop_
_entity_poly.entity_id
_entity_poly.type
_entity_poly.pdbx_seq_one_letter_code
_entity_poly.pdbx_strand_id
1 'polypeptide(L)'
;MVGVTAFGNFDLASLAIYSFWIFLAGLIYYLQTENMREGYPLENEDGTPAANQGPFPLPKPKTFILPHGRGTLTVPGPES
EDRPIALARTAVSEGFPHAPTGDPMKDGVGPASWVARRDLPELDGHGHNKIKPMKAAAGFHVSAGKNPIGLPVRGCDLEI
AGKVVDIWVDIPEQMARFLEVELKDGSTRLLPMQMVKVQSNRVHVNALSSDLFAGIPTIKSPTEVTLLEEDKICGYVAGG
LMYAAPKRKSVVAAMLAEYA
;
H
2 'polypeptide(L)'
;ALLSFERKYRVPGGTLVGGNLFDFWVGPFYVGFFGVATFFFAALGIILIAWSAVLQGTWNPQLISVYPPALEYGLGGAPL
AKGGLWQIITICATGAFVSWALREVEICRKLGIGYHIPFAFAFAILAYLTLVLFRPVMMGAWGYAFPYGIWTHLDWVSNT
GYTYGNFHYNPAHMIAISFFFTNALALALHGALVLSAANPEKGKEMRTPDHEDTFFRDLVGYSIGTLGIHRLGLLLSLSA
VFFSALCMIITGTIWFDQWVDWWQWWVKLPWWANIPGGING
;
L
3 'polypeptide(L)'
;AEYQNIFSQVQVRGPADLGMTEDVNLANRSGVGPFSTLLGWFGNAQLGPIYLGSLGVLSLFSGLMWFFTIGIWFWYQAGW
NPAVFLRDLFFFSLEPPAPEYGLSFAAPLKEGGLWLIASFFMFVAVWSWWGRTYLRAQALGMGKHTAWAFLSAIWLWMVL
GFIRPILMGSWSEAVPYGIFSHLDWTNNFSLVHGNLFYNPFHGLSIAFLYGSALLFAMHGATILAVSRFGGERELEQIAD
RGTAAERAALFWRWTMGFNATMEGIHLWAIWMAVLVTLTGGIGILLSGTVVDNWYVWGQNHGMAPLN
;
M
#
loop_
_chem_comp.id
_chem_comp.type
_chem_comp.name
_chem_comp.formula
BCL non-polymer 'BACTERIOCHLOROPHYLL A' 'C55 H74 Mg N4 O6'
BPB non-polymer 'BACTERIOPHEOPHYTIN B' 'C55 H74 N4 O6'
FE non-polymer 'FE (III) ION' 'Fe 3'
LDA non-polymer 'LAURYL DIMETHYLAMINE-N-OXIDE' 'C14 H31 N O'
PO4 non-polymer 'PHOSPHATE ION' 'O4 P -3'
SPN non-polymer SPEROIDENONE 'C41 H70 O2'
U10 non-polymer UBIQUINONE-10 'C59 H90 O4'
#
# COMPACT_ATOMS: atom_id res chain seq x y z
N ASP A 11 37.09 -7.76 1.21
CA ASP A 11 36.69 -6.39 1.65
C ASP A 11 35.27 -6.16 2.23
N LEU A 12 35.22 -5.10 3.02
CA LEU A 12 34.03 -4.63 3.68
C LEU A 12 32.75 -4.76 2.86
N ALA A 13 32.67 -4.07 1.73
CA ALA A 13 31.46 -4.08 0.97
C ALA A 13 30.95 -5.49 0.74
N SER A 14 31.82 -6.39 0.36
CA SER A 14 31.33 -7.72 0.04
C SER A 14 31.04 -8.51 1.31
N LEU A 15 31.55 -8.03 2.43
CA LEU A 15 31.24 -8.62 3.72
C LEU A 15 29.83 -8.17 4.04
N ALA A 16 29.61 -6.88 3.85
CA ALA A 16 28.33 -6.28 4.14
C ALA A 16 27.23 -6.94 3.30
N ILE A 17 27.49 -7.19 2.03
CA ILE A 17 26.39 -7.67 1.19
C ILE A 17 26.07 -9.12 1.44
N TYR A 18 27.06 -9.85 1.92
CA TYR A 18 26.92 -11.29 2.18
C TYR A 18 26.16 -11.43 3.50
N SER A 19 26.55 -10.66 4.51
CA SER A 19 25.79 -10.60 5.75
C SER A 19 24.30 -10.29 5.51
N PHE A 20 24.06 -9.21 4.77
CA PHE A 20 22.73 -8.81 4.40
C PHE A 20 21.89 -9.96 3.87
N TRP A 21 22.39 -10.76 2.95
CA TRP A 21 21.56 -11.86 2.50
C TRP A 21 21.26 -12.84 3.61
N ILE A 22 22.13 -12.99 4.59
CA ILE A 22 21.82 -13.95 5.62
C ILE A 22 20.74 -13.41 6.52
N PHE A 23 20.87 -12.14 6.88
CA PHE A 23 19.84 -11.42 7.61
C PHE A 23 18.49 -11.57 6.90
N LEU A 24 18.43 -11.22 5.64
CA LEU A 24 17.21 -11.30 4.89
C LEU A 24 16.52 -12.65 4.95
N ALA A 25 17.30 -13.72 4.96
CA ALA A 25 16.71 -15.06 4.99
C ALA A 25 16.12 -15.34 6.37
N GLY A 26 16.79 -14.88 7.44
CA GLY A 26 16.25 -15.02 8.78
C GLY A 26 14.92 -14.26 8.89
N LEU A 27 14.93 -13.05 8.38
CA LEU A 27 13.78 -12.19 8.33
C LEU A 27 12.63 -12.88 7.56
N ILE A 28 12.88 -13.41 6.36
CA ILE A 28 11.77 -14.10 5.68
C ILE A 28 11.27 -15.28 6.53
N TYR A 29 12.19 -15.98 7.13
CA TYR A 29 11.79 -17.07 7.98
C TYR A 29 10.82 -16.56 9.09
N TYR A 30 11.30 -15.54 9.81
CA TYR A 30 10.55 -14.87 10.88
C TYR A 30 9.06 -14.84 10.46
N LEU A 31 8.41 -14.32 9.44
CA LEU A 31 8.14 -13.04 8.93
C LEU A 31 7.00 -14.10 8.48
N GLN A 32 7.45 -15.22 7.87
CA GLN A 32 6.56 -16.30 7.50
C GLN A 32 6.00 -17.02 8.69
N THR A 33 6.82 -17.43 9.66
CA THR A 33 6.21 -18.18 10.80
C THR A 33 5.21 -17.27 11.51
N GLU A 34 5.56 -15.98 11.74
CA GLU A 34 4.58 -15.05 12.30
C GLU A 34 3.29 -15.14 11.51
N ASN A 35 3.29 -15.38 10.23
CA ASN A 35 2.02 -15.35 9.47
C ASN A 35 1.29 -16.64 9.51
N MET A 36 1.75 -17.51 10.41
CA MET A 36 1.08 -18.79 10.64
C MET A 36 0.19 -18.83 11.88
N ARG A 37 0.11 -17.75 12.63
CA ARG A 37 -0.76 -17.80 13.81
C ARG A 37 -2.23 -18.12 13.58
N GLU A 38 -2.71 -18.26 12.34
CA GLU A 38 -4.11 -18.66 12.16
C GLU A 38 -4.14 -19.65 11.08
N GLY A 39 -5.16 -20.48 11.04
CA GLY A 39 -5.41 -21.40 9.93
C GLY A 39 -4.62 -22.66 9.87
N TYR A 40 -3.58 -22.73 10.68
CA TYR A 40 -2.64 -23.85 10.70
C TYR A 40 -2.84 -24.61 11.97
N PRO A 41 -2.53 -25.91 12.02
CA PRO A 41 -1.96 -26.71 10.89
C PRO A 41 -2.88 -26.97 9.72
N LEU A 42 -2.32 -27.16 8.54
CA LEU A 42 -3.09 -27.59 7.37
C LEU A 42 -3.84 -28.87 7.67
N GLU A 43 -4.90 -29.02 6.90
CA GLU A 43 -5.77 -30.14 7.05
C GLU A 43 -6.15 -30.72 5.68
N ASN A 44 -6.78 -31.88 5.72
CA ASN A 44 -7.26 -32.58 4.56
C ASN A 44 -8.70 -32.24 4.44
N GLU A 45 -9.30 -32.48 3.29
CA GLU A 45 -10.68 -32.10 3.07
C GLU A 45 -11.58 -32.65 4.15
N ASP A 46 -11.07 -33.55 5.00
CA ASP A 46 -11.90 -34.06 6.08
C ASP A 46 -11.56 -33.53 7.47
N GLY A 47 -10.46 -32.85 7.70
CA GLY A 47 -10.37 -32.28 9.01
C GLY A 47 -9.18 -32.81 9.70
N THR A 48 -8.69 -33.89 9.18
CA THR A 48 -7.56 -34.50 9.82
C THR A 48 -6.40 -33.65 9.35
N PRO A 49 -5.35 -33.63 10.15
CA PRO A 49 -4.08 -32.96 9.83
C PRO A 49 -3.40 -33.51 8.59
N ALA A 50 -2.84 -32.65 7.79
CA ALA A 50 -2.20 -33.03 6.55
C ALA A 50 -0.82 -33.57 6.86
N ALA A 51 -0.39 -34.40 5.94
CA ALA A 51 0.88 -35.04 6.02
C ALA A 51 1.88 -33.88 5.86
N ASN A 52 2.02 -33.28 4.68
CA ASN A 52 2.97 -32.17 4.60
C ASN A 52 2.44 -30.84 5.14
N GLN A 53 3.06 -30.36 6.19
CA GLN A 53 2.69 -29.08 6.75
C GLN A 53 3.63 -28.05 6.16
N GLY A 54 4.47 -28.51 5.25
CA GLY A 54 5.55 -27.68 4.71
C GLY A 54 6.77 -27.58 5.60
N PRO A 55 7.68 -26.72 5.17
CA PRO A 55 8.98 -26.51 5.88
C PRO A 55 9.06 -25.59 7.11
N PHE A 56 8.14 -24.64 7.30
CA PHE A 56 8.23 -23.76 8.46
C PHE A 56 7.46 -24.32 9.64
N PRO A 57 8.07 -24.29 10.81
CA PRO A 57 7.42 -24.74 12.04
C PRO A 57 6.40 -23.68 12.45
N LEU A 58 5.51 -24.07 13.34
CA LEU A 58 4.42 -23.24 13.85
C LEU A 58 5.16 -22.36 14.86
N PRO A 59 4.78 -21.11 15.07
CA PRO A 59 5.53 -20.25 15.99
C PRO A 59 5.17 -20.48 17.43
N LYS A 60 6.02 -20.06 18.34
CA LYS A 60 5.65 -20.18 19.73
C LYS A 60 4.46 -19.26 19.96
N PRO A 61 3.55 -19.68 20.82
CA PRO A 61 2.32 -18.95 21.06
C PRO A 61 2.53 -17.55 21.56
N LYS A 62 1.56 -16.68 21.33
CA LYS A 62 1.60 -15.37 21.92
C LYS A 62 0.21 -14.97 22.37
N THR A 63 0.17 -14.10 23.38
CA THR A 63 -1.12 -13.78 24.03
C THR A 63 -1.50 -12.35 24.05
N PHE A 64 -2.64 -12.04 23.44
CA PHE A 64 -3.16 -10.71 23.58
C PHE A 64 -4.14 -10.67 24.76
N ILE A 65 -4.11 -9.56 25.51
CA ILE A 65 -5.14 -9.12 26.49
C ILE A 65 -5.69 -8.00 25.62
N LEU A 66 -6.92 -7.73 25.22
CA LEU A 66 -8.29 -7.91 25.51
C LEU A 66 -8.80 -6.75 26.33
N PRO A 67 -9.03 -5.64 25.65
CA PRO A 67 -9.36 -4.38 26.32
C PRO A 67 -10.28 -4.31 27.52
N HIS A 68 -11.49 -4.82 27.52
CA HIS A 68 -12.33 -4.42 28.65
C HIS A 68 -12.85 -5.56 29.44
N GLY A 69 -11.94 -6.27 30.10
CA GLY A 69 -12.33 -7.42 30.90
C GLY A 69 -12.71 -8.56 30.00
N ARG A 70 -12.50 -8.35 28.71
CA ARG A 70 -12.89 -9.35 27.71
C ARG A 70 -11.94 -10.52 27.60
N GLY A 71 -10.78 -10.48 28.24
CA GLY A 71 -10.02 -11.71 28.28
C GLY A 71 -8.65 -11.83 27.63
N THR A 72 -8.48 -12.89 26.92
CA THR A 72 -7.18 -13.24 26.46
C THR A 72 -7.32 -13.93 25.16
N LEU A 73 -6.34 -13.83 24.28
CA LEU A 73 -6.31 -14.66 23.05
C LEU A 73 -4.92 -15.20 22.84
N THR A 74 -4.88 -16.47 22.46
CA THR A 74 -3.58 -17.11 22.27
C THR A 74 -3.52 -17.80 20.95
N VAL A 75 -2.59 -17.36 20.11
CA VAL A 75 -2.51 -18.00 18.79
C VAL A 75 -1.06 -18.36 18.54
N PRO A 76 -0.75 -19.51 17.93
CA PRO A 76 -1.61 -20.59 17.47
C PRO A 76 -2.46 -21.22 18.60
N GLY A 77 -3.64 -21.75 18.33
CA GLY A 77 -4.41 -22.37 19.38
C GLY A 77 -5.36 -23.35 18.73
N PRO A 78 -6.04 -24.17 19.48
CA PRO A 78 -6.96 -25.12 18.86
C PRO A 78 -7.89 -24.36 17.91
N GLU A 79 -7.90 -24.76 16.64
CA GLU A 79 -8.74 -24.12 15.64
C GLU A 79 -9.99 -24.94 15.38
N SER A 80 -11.18 -24.38 15.41
CA SER A 80 -12.35 -25.18 15.09
C SER A 80 -13.46 -24.31 14.53
N GLU A 81 -14.14 -24.72 13.45
CA GLU A 81 -15.36 -23.98 13.10
C GLU A 81 -16.24 -24.36 14.32
N ASP A 82 -17.02 -23.41 14.79
CA ASP A 82 -17.82 -23.83 15.86
C ASP A 82 -19.17 -23.76 15.26
N ARG A 83 -19.32 -24.57 14.19
CA ARG A 83 -20.59 -24.68 13.45
C ARG A 83 -20.59 -25.79 12.41
N PRO A 84 -21.78 -26.27 12.07
CA PRO A 84 -21.97 -27.26 11.01
C PRO A 84 -21.77 -26.64 9.61
N ILE A 85 -21.12 -27.39 8.75
CA ILE A 85 -20.92 -26.94 7.39
C ILE A 85 -21.64 -27.81 6.43
N ALA A 86 -22.65 -27.26 5.83
CA ALA A 86 -23.43 -28.09 4.93
C ALA A 86 -22.81 -28.21 3.54
N LEU A 87 -21.79 -29.04 3.37
CA LEU A 87 -21.24 -29.26 2.03
C LEU A 87 -20.98 -30.71 1.86
N ALA A 88 -20.94 -31.18 0.60
CA ALA A 88 -20.55 -32.57 0.27
C ALA A 88 -19.58 -32.58 -0.88
N ARG A 89 -18.65 -33.53 -0.86
CA ARG A 89 -17.74 -33.67 -1.98
C ARG A 89 -18.46 -34.00 -3.26
N THR A 90 -17.86 -33.61 -4.38
CA THR A 90 -18.30 -33.87 -5.73
C THR A 90 -17.29 -34.71 -6.50
N ALA A 91 -16.29 -35.23 -5.83
CA ALA A 91 -15.34 -36.00 -6.58
C ALA A 91 -14.66 -36.91 -5.61
N VAL A 92 -13.97 -37.93 -6.12
CA VAL A 92 -13.37 -38.91 -5.26
C VAL A 92 -11.96 -38.57 -4.92
N SER A 93 -11.51 -37.37 -5.23
CA SER A 93 -10.11 -37.05 -4.84
C SER A 93 -9.86 -35.60 -4.38
N GLU A 94 -8.77 -35.36 -3.62
CA GLU A 94 -8.42 -34.00 -3.15
C GLU A 94 -8.52 -33.06 -4.32
N GLY A 95 -9.14 -31.90 -4.10
CA GLY A 95 -9.01 -30.87 -5.09
C GLY A 95 -10.15 -30.22 -5.79
N PHE A 96 -11.33 -30.82 -5.66
CA PHE A 96 -12.51 -30.25 -6.29
C PHE A 96 -13.41 -29.47 -5.37
N PRO A 97 -14.40 -28.79 -5.96
CA PRO A 97 -15.36 -27.98 -5.22
C PRO A 97 -16.24 -28.84 -4.35
N HIS A 98 -16.80 -28.27 -3.30
CA HIS A 98 -17.69 -28.98 -2.40
C HIS A 98 -19.03 -28.38 -2.57
N ALA A 99 -19.97 -29.18 -3.05
CA ALA A 99 -21.28 -28.60 -3.32
C ALA A 99 -22.07 -28.43 -2.03
N PRO A 100 -22.87 -27.40 -2.03
CA PRO A 100 -23.81 -27.13 -0.95
C PRO A 100 -24.88 -28.19 -0.92
N THR A 101 -25.18 -28.72 0.25
CA THR A 101 -26.16 -29.75 0.29
C THR A 101 -27.51 -29.23 0.63
N GLY A 102 -27.71 -27.94 0.83
CA GLY A 102 -29.03 -27.34 1.07
C GLY A 102 -29.12 -25.96 0.37
N ASP A 103 -29.56 -24.91 1.06
CA ASP A 103 -29.56 -23.55 0.50
C ASP A 103 -28.35 -22.79 1.10
N PRO A 104 -27.40 -22.46 0.21
CA PRO A 104 -26.15 -21.85 0.61
C PRO A 104 -26.35 -20.50 1.28
N MET A 105 -27.34 -19.71 0.85
CA MET A 105 -27.65 -18.47 1.55
C MET A 105 -28.01 -18.77 3.03
N LYS A 106 -28.97 -19.68 3.27
CA LYS A 106 -29.27 -20.00 4.66
C LYS A 106 -28.17 -20.70 5.38
N ASP A 107 -27.56 -21.68 4.72
CA ASP A 107 -26.55 -22.46 5.40
C ASP A 107 -25.26 -21.80 5.67
N GLY A 108 -24.93 -20.74 4.95
CA GLY A 108 -23.78 -19.92 5.29
C GLY A 108 -22.50 -20.53 4.84
N VAL A 109 -22.48 -20.91 3.55
CA VAL A 109 -21.33 -21.53 2.91
C VAL A 109 -20.99 -20.75 1.64
N GLY A 110 -19.86 -21.02 1.04
CA GLY A 110 -19.52 -20.29 -0.17
C GLY A 110 -19.33 -18.82 0.12
N PRO A 111 -19.64 -17.96 -0.86
CA PRO A 111 -19.57 -16.51 -0.67
C PRO A 111 -20.62 -16.09 0.38
N ALA A 112 -21.42 -17.02 0.92
CA ALA A 112 -22.33 -16.59 1.99
C ALA A 112 -21.80 -16.93 3.40
N SER A 113 -20.59 -17.40 3.52
CA SER A 113 -20.08 -17.83 4.79
C SER A 113 -19.98 -16.77 5.86
N TRP A 114 -19.95 -17.16 7.11
CA TRP A 114 -19.67 -16.23 8.14
C TRP A 114 -18.80 -16.93 9.13
N VAL A 115 -18.01 -16.21 9.91
CA VAL A 115 -17.39 -16.93 10.99
C VAL A 115 -18.09 -16.71 12.30
N ALA A 116 -17.94 -17.68 13.18
CA ALA A 116 -18.56 -17.67 14.49
C ALA A 116 -17.75 -16.80 15.33
N ARG A 117 -17.78 -15.47 15.10
CA ARG A 117 -17.06 -14.56 16.04
C ARG A 117 -17.86 -14.44 17.35
N ARG A 118 -17.27 -13.79 18.33
CA ARG A 118 -17.97 -13.56 19.55
C ARG A 118 -19.27 -12.81 19.40
N ASP A 119 -20.22 -13.28 20.19
CA ASP A 119 -21.53 -12.71 20.23
C ASP A 119 -21.64 -11.54 21.24
N LEU A 120 -20.65 -10.67 21.21
CA LEU A 120 -20.65 -9.36 21.84
C LEU A 120 -20.41 -8.32 20.77
N PRO A 121 -20.74 -7.09 21.04
CA PRO A 121 -20.43 -6.06 20.04
C PRO A 121 -19.06 -5.46 20.33
N GLU A 122 -18.42 -4.91 19.33
CA GLU A 122 -17.18 -4.19 19.49
C GLU A 122 -17.35 -2.92 20.36
N LEU A 123 -16.40 -2.68 21.23
CA LEU A 123 -16.47 -1.51 22.08
C LEU A 123 -15.49 -0.45 21.69
N ASP A 124 -15.82 0.82 21.80
CA ASP A 124 -14.84 1.82 21.47
C ASP A 124 -13.79 1.86 22.56
N GLY A 125 -13.00 2.92 22.53
CA GLY A 125 -11.91 2.98 23.47
C GLY A 125 -12.31 3.20 24.89
N HIS A 126 -13.57 3.52 25.11
CA HIS A 126 -14.05 3.83 26.45
C HIS A 126 -14.91 2.73 27.04
N GLY A 127 -15.15 1.68 26.27
CA GLY A 127 -15.98 0.62 26.75
C GLY A 127 -17.38 0.78 26.19
N HIS A 128 -17.67 1.78 25.35
CA HIS A 128 -19.04 1.85 24.83
C HIS A 128 -19.24 1.15 23.50
N ASN A 129 -20.39 0.56 23.24
CA ASN A 129 -20.66 -0.03 21.92
C ASN A 129 -20.20 0.88 20.79
N LYS A 130 -19.21 0.45 19.99
CA LYS A 130 -18.72 1.18 18.81
C LYS A 130 -19.79 1.58 17.81
N ILE A 131 -20.80 0.78 17.59
CA ILE A 131 -21.80 1.12 16.56
C ILE A 131 -23.22 1.30 17.08
N LYS A 132 -23.75 2.50 16.97
CA LYS A 132 -25.10 2.72 17.51
C LYS A 132 -25.92 3.16 16.38
N PRO A 133 -27.22 3.02 16.48
CA PRO A 133 -28.11 3.56 15.48
C PRO A 133 -28.05 5.07 15.67
N MET A 134 -28.35 5.83 14.63
CA MET A 134 -28.15 7.27 14.73
C MET A 134 -29.11 7.86 15.82
N LYS A 135 -30.36 7.42 15.76
CA LYS A 135 -31.36 7.81 16.76
C LYS A 135 -30.76 7.82 18.13
N ALA A 136 -29.96 6.84 18.54
CA ALA A 136 -29.39 6.85 19.89
C ALA A 136 -28.07 7.48 20.02
N ALA A 137 -27.63 8.20 18.98
CA ALA A 137 -26.26 8.76 19.00
C ALA A 137 -26.29 10.26 19.06
N ALA A 138 -26.08 10.75 20.26
CA ALA A 138 -26.34 12.20 20.53
C ALA A 138 -25.47 13.11 19.77
N GLY A 139 -26.01 13.95 18.89
CA GLY A 139 -25.13 14.84 18.16
C GLY A 139 -24.83 14.40 16.73
N PHE A 140 -24.69 13.10 16.57
CA PHE A 140 -24.53 12.64 15.26
C PHE A 140 -25.60 13.07 14.27
N HIS A 141 -25.23 13.75 13.19
CA HIS A 141 -26.15 14.03 12.09
C HIS A 141 -25.34 13.82 10.79
N VAL A 142 -26.05 13.62 9.68
CA VAL A 142 -25.51 13.66 8.34
C VAL A 142 -24.95 15.06 7.92
N SER A 143 -23.68 15.13 7.48
CA SER A 143 -23.11 16.43 7.08
C SER A 143 -22.98 16.68 5.59
N ALA A 144 -22.85 15.65 4.77
CA ALA A 144 -22.65 15.85 3.34
C ALA A 144 -23.23 14.69 2.61
N GLY A 145 -23.52 14.84 1.33
CA GLY A 145 -24.12 13.73 0.61
C GLY A 145 -25.58 13.59 0.92
N LYS A 146 -26.35 12.96 0.06
CA LYS A 146 -27.76 12.75 0.23
C LYS A 146 -27.99 11.92 1.47
N ASN A 147 -29.06 12.21 2.20
CA ASN A 147 -29.39 11.47 3.41
C ASN A 147 -30.28 10.38 2.94
N PRO A 148 -29.96 9.15 3.31
CA PRO A 148 -30.77 8.00 2.89
C PRO A 148 -32.05 7.83 3.71
N ILE A 149 -32.08 8.32 4.98
CA ILE A 149 -33.21 8.10 5.86
C ILE A 149 -34.42 8.56 5.14
N GLY A 150 -35.38 7.66 4.96
CA GLY A 150 -36.55 7.98 4.19
C GLY A 150 -36.64 7.39 2.81
N LEU A 151 -35.49 7.03 2.22
CA LEU A 151 -35.56 6.51 0.86
C LEU A 151 -36.05 5.08 0.77
N PRO A 152 -36.79 4.77 -0.28
CA PRO A 152 -37.22 3.39 -0.50
C PRO A 152 -35.97 2.61 -0.96
N VAL A 153 -35.98 1.32 -0.71
CA VAL A 153 -34.91 0.40 -1.08
C VAL A 153 -35.34 -0.60 -2.13
N ARG A 154 -34.55 -0.65 -3.19
CA ARG A 154 -34.86 -1.46 -4.37
C ARG A 154 -33.85 -2.56 -4.48
N GLY A 155 -34.29 -3.74 -4.91
CA GLY A 155 -33.38 -4.88 -5.05
C GLY A 155 -32.95 -5.16 -6.47
N CYS A 156 -32.10 -6.18 -6.64
CA CYS A 156 -31.56 -6.42 -7.96
C CYS A 156 -32.61 -6.90 -8.94
N ASP A 157 -33.81 -7.19 -8.47
CA ASP A 157 -34.84 -7.55 -9.43
C ASP A 157 -35.75 -6.37 -9.66
N LEU A 158 -35.22 -5.17 -9.46
CA LEU A 158 -35.95 -3.91 -9.70
C LEU A 158 -37.25 -3.70 -8.93
N GLU A 159 -37.45 -4.43 -7.83
CA GLU A 159 -38.67 -4.32 -7.04
C GLU A 159 -38.36 -3.67 -5.65
N ILE A 160 -39.35 -3.14 -4.93
CA ILE A 160 -39.05 -2.41 -3.69
C ILE A 160 -39.09 -3.25 -2.42
N ALA A 161 -38.00 -3.37 -1.71
CA ALA A 161 -38.02 -4.22 -0.56
C ALA A 161 -38.37 -3.57 0.77
N GLY A 162 -38.26 -2.26 0.89
CA GLY A 162 -38.42 -1.65 2.19
C GLY A 162 -38.04 -0.19 2.14
N LYS A 163 -37.69 0.40 3.29
CA LYS A 163 -37.39 1.83 3.33
C LYS A 163 -36.38 2.06 4.41
N VAL A 164 -35.61 3.10 4.27
CA VAL A 164 -34.58 3.29 5.26
C VAL A 164 -35.19 4.03 6.42
N VAL A 165 -34.79 3.69 7.64
CA VAL A 165 -35.42 4.28 8.78
C VAL A 165 -34.38 4.78 9.68
N ASP A 166 -33.14 4.34 9.49
CA ASP A 166 -32.06 4.95 10.26
C ASP A 166 -30.69 4.60 9.58
N ILE A 167 -29.61 5.08 10.18
CA ILE A 167 -28.28 4.88 9.71
C ILE A 167 -27.51 4.49 10.91
N TRP A 168 -26.89 3.32 10.92
CA TRP A 168 -26.18 2.92 12.12
C TRP A 168 -24.77 3.40 11.90
N VAL A 169 -24.18 4.06 12.88
CA VAL A 169 -22.92 4.74 12.64
C VAL A 169 -21.88 4.24 13.58
N ASP A 170 -20.65 4.55 13.25
CA ASP A 170 -19.49 4.15 14.03
C ASP A 170 -19.13 5.43 14.78
N ILE A 171 -19.35 5.45 16.08
CA ILE A 171 -19.10 6.71 16.78
C ILE A 171 -17.66 7.17 16.70
N PRO A 172 -16.74 6.36 17.14
CA PRO A 172 -15.33 6.77 17.16
C PRO A 172 -14.70 7.06 15.80
N GLU A 173 -15.20 6.49 14.74
CA GLU A 173 -14.58 6.70 13.46
C GLU A 173 -15.49 7.62 12.73
N GLN A 174 -16.57 8.01 13.39
CA GLN A 174 -17.54 8.87 12.74
C GLN A 174 -17.87 8.41 11.33
N MET A 175 -18.44 7.22 11.19
CA MET A 175 -18.57 6.70 9.85
C MET A 175 -19.87 5.93 9.65
N ALA A 176 -20.60 6.09 8.56
CA ALA A 176 -21.78 5.23 8.41
C ALA A 176 -21.29 3.83 8.19
N ARG A 177 -21.90 2.85 8.88
CA ARG A 177 -21.60 1.44 8.70
C ARG A 177 -22.84 0.67 8.20
N PHE A 178 -24.03 0.85 8.81
CA PHE A 178 -25.18 0.23 8.14
C PHE A 178 -26.38 1.19 7.91
N LEU A 179 -27.28 0.78 7.04
CA LEU A 179 -28.55 1.40 6.91
C LEU A 179 -29.52 0.40 7.56
N GLU A 180 -30.49 0.89 8.37
CA GLU A 180 -31.44 -0.02 8.94
C GLU A 180 -32.63 0.02 8.07
N VAL A 181 -33.18 -1.11 7.70
CA VAL A 181 -34.23 -1.06 6.69
C VAL A 181 -35.51 -1.74 7.11
N GLU A 182 -36.64 -1.06 6.88
CA GLU A 182 -37.93 -1.60 7.28
C GLU A 182 -38.61 -2.41 6.18
N LEU A 183 -39.10 -3.59 6.52
CA LEU A 183 -39.67 -4.47 5.51
C LEU A 183 -41.18 -4.41 5.47
N LYS A 184 -41.76 -5.06 4.49
CA LYS A 184 -43.21 -5.06 4.35
C LYS A 184 -43.87 -5.32 5.68
N ASP A 185 -43.40 -6.31 6.42
CA ASP A 185 -44.07 -6.66 7.65
C ASP A 185 -43.72 -5.79 8.86
N GLY A 186 -42.94 -4.75 8.68
CA GLY A 186 -42.66 -3.90 9.82
C GLY A 186 -41.42 -4.26 10.62
N SER A 187 -40.83 -5.44 10.36
CA SER A 187 -39.50 -5.68 10.95
C SER A 187 -38.41 -4.91 10.17
N THR A 188 -37.25 -4.78 10.80
CA THR A 188 -36.11 -4.18 10.11
C THR A 188 -34.93 -5.14 9.88
N ARG A 189 -34.00 -4.73 9.03
CA ARG A 189 -32.76 -5.49 8.80
C ARG A 189 -31.62 -4.52 8.73
N LEU A 190 -30.42 -4.95 9.05
CA LEU A 190 -29.20 -4.18 8.69
C LEU A 190 -28.72 -4.62 7.28
N LEU A 191 -28.21 -3.66 6.52
CA LEU A 191 -27.66 -3.82 5.18
C LEU A 191 -26.40 -3.01 5.23
N PRO A 192 -25.25 -3.58 4.86
CA PRO A 192 -23.95 -2.85 4.89
C PRO A 192 -23.85 -1.63 3.95
N MET A 193 -23.22 -0.55 4.41
CA MET A 193 -23.10 0.67 3.59
C MET A 193 -22.34 0.28 2.35
N GLN A 194 -21.31 -0.56 2.52
CA GLN A 194 -20.46 -0.93 1.41
C GLN A 194 -21.15 -1.74 0.33
N MET A 195 -22.40 -2.14 0.51
CA MET A 195 -23.04 -2.92 -0.52
C MET A 195 -24.24 -2.29 -1.08
N VAL A 196 -24.37 -1.00 -0.82
CA VAL A 196 -25.53 -0.28 -1.36
C VAL A 196 -25.07 0.95 -2.08
N LYS A 197 -25.94 1.38 -2.96
CA LYS A 197 -25.72 2.51 -3.81
C LYS A 197 -26.79 3.56 -3.47
N VAL A 198 -26.35 4.64 -2.85
CA VAL A 198 -27.32 5.69 -2.56
C VAL A 198 -27.54 6.57 -3.76
N GLN A 199 -28.76 6.62 -4.25
CA GLN A 199 -29.10 7.44 -5.40
C GLN A 199 -30.01 8.58 -4.92
N SER A 200 -30.65 9.30 -5.83
CA SER A 200 -31.40 10.47 -5.36
C SER A 200 -32.83 10.21 -4.93
N ASN A 201 -33.44 9.24 -5.55
CA ASN A 201 -34.80 8.97 -5.26
C ASN A 201 -34.89 7.56 -4.75
N ARG A 202 -33.82 6.99 -4.23
CA ARG A 202 -33.90 5.61 -3.76
C ARG A 202 -32.51 5.08 -3.48
N VAL A 203 -32.43 3.95 -2.79
CA VAL A 203 -31.19 3.29 -2.47
C VAL A 203 -31.28 2.01 -3.25
N HIS A 204 -30.16 1.59 -3.84
CA HIS A 204 -30.19 0.38 -4.65
C HIS A 204 -29.27 -0.74 -4.19
N VAL A 205 -29.83 -1.94 -4.22
CA VAL A 205 -29.07 -3.06 -3.78
C VAL A 205 -28.87 -4.10 -4.85
N ASN A 206 -27.65 -4.15 -5.35
CA ASN A 206 -27.40 -5.15 -6.34
C ASN A 206 -27.34 -6.60 -5.91
N ALA A 207 -26.69 -6.89 -4.79
CA ALA A 207 -26.58 -8.24 -4.33
C ALA A 207 -27.91 -9.00 -4.13
N LEU A 208 -28.95 -8.38 -3.57
CA LEU A 208 -30.14 -9.13 -3.23
C LEU A 208 -31.30 -8.75 -4.08
N SER A 209 -32.23 -9.68 -4.20
CA SER A 209 -33.45 -9.39 -4.92
C SER A 209 -34.49 -9.08 -3.85
N SER A 210 -35.65 -8.57 -4.23
CA SER A 210 -36.62 -8.20 -3.23
C SER A 210 -36.91 -9.35 -2.30
N ASP A 211 -37.31 -10.49 -2.84
CA ASP A 211 -37.62 -11.67 -2.03
C ASP A 211 -36.49 -12.18 -1.13
N LEU A 212 -35.33 -11.54 -1.07
CA LEU A 212 -34.35 -12.14 -0.20
C LEU A 212 -34.09 -11.34 1.03
N PHE A 213 -34.64 -10.15 1.06
CA PHE A 213 -34.45 -9.31 2.23
C PHE A 213 -34.97 -9.91 3.53
N ALA A 214 -36.07 -10.64 3.49
CA ALA A 214 -36.66 -11.20 4.69
C ALA A 214 -35.70 -12.17 5.33
N GLY A 215 -34.84 -12.80 4.49
CA GLY A 215 -33.85 -13.77 4.91
C GLY A 215 -32.61 -13.23 5.58
N ILE A 216 -32.31 -11.96 5.41
CA ILE A 216 -31.16 -11.41 6.10
C ILE A 216 -31.24 -11.68 7.59
N PRO A 217 -30.27 -12.35 8.20
CA PRO A 217 -30.25 -12.56 9.64
C PRO A 217 -30.65 -11.38 10.45
N THR A 218 -31.53 -11.55 11.44
CA THR A 218 -31.92 -10.43 12.31
C THR A 218 -31.02 -10.24 13.52
N ILE A 219 -31.08 -9.13 14.21
CA ILE A 219 -30.19 -8.97 15.33
C ILE A 219 -31.03 -9.12 16.59
N LYS A 220 -30.44 -9.44 17.73
CA LYS A 220 -31.26 -9.76 18.88
C LYS A 220 -31.69 -8.50 19.62
N SER A 221 -30.78 -7.68 20.14
CA SER A 221 -31.22 -6.41 20.70
C SER A 221 -31.36 -5.38 19.60
N PRO A 222 -32.29 -4.45 19.68
CA PRO A 222 -32.50 -3.49 18.58
C PRO A 222 -31.62 -2.28 18.62
N THR A 223 -30.66 -2.18 19.53
CA THR A 223 -29.77 -1.00 19.53
C THR A 223 -28.30 -1.39 19.55
N GLU A 224 -28.01 -2.66 19.27
CA GLU A 224 -26.62 -3.03 19.15
C GLU A 224 -26.52 -4.22 18.24
N VAL A 225 -25.34 -4.40 17.60
CA VAL A 225 -25.09 -5.59 16.83
C VAL A 225 -23.85 -6.25 17.37
N THR A 226 -23.82 -7.59 17.35
CA THR A 226 -22.61 -8.31 17.70
C THR A 226 -21.71 -8.63 16.50
N LEU A 227 -20.43 -8.86 16.84
CA LEU A 227 -19.45 -9.34 15.87
C LEU A 227 -20.02 -10.61 15.20
N LEU A 228 -20.67 -11.48 15.97
CA LEU A 228 -21.26 -12.63 15.33
C LEU A 228 -22.35 -12.22 14.34
N GLU A 229 -23.09 -11.16 14.62
CA GLU A 229 -24.24 -10.86 13.73
C GLU A 229 -23.83 -10.04 12.56
N GLU A 230 -22.79 -9.26 12.75
CA GLU A 230 -22.31 -8.49 11.60
C GLU A 230 -21.81 -9.46 10.59
N ASP A 231 -21.16 -10.52 11.07
CA ASP A 231 -20.69 -11.52 10.13
C ASP A 231 -21.80 -12.27 9.39
N LYS A 232 -22.88 -12.57 10.09
CA LYS A 232 -23.92 -13.31 9.43
C LYS A 232 -24.61 -12.42 8.41
N ILE A 233 -24.77 -11.15 8.78
CA ILE A 233 -25.43 -10.18 7.89
C ILE A 233 -24.61 -9.90 6.63
N CYS A 234 -23.36 -9.46 6.80
CA CYS A 234 -22.46 -9.26 5.68
C CYS A 234 -22.26 -10.54 4.82
N GLY A 235 -22.08 -11.70 5.46
CA GLY A 235 -21.98 -12.95 4.75
C GLY A 235 -23.16 -13.12 3.83
N TYR A 236 -24.32 -13.04 4.44
CA TYR A 236 -25.57 -13.32 3.75
C TYR A 236 -25.69 -12.41 2.56
N VAL A 237 -25.31 -11.12 2.70
CA VAL A 237 -25.55 -10.27 1.53
C VAL A 237 -24.49 -10.35 0.37
N ALA A 238 -23.21 -10.53 0.70
CA ALA A 238 -22.20 -10.82 -0.33
C ALA A 238 -22.60 -12.10 -1.08
N GLY A 239 -23.10 -13.11 -0.37
CA GLY A 239 -23.48 -14.35 -1.02
C GLY A 239 -24.53 -14.14 -2.13
N GLY A 240 -25.24 -13.05 -2.05
CA GLY A 240 -26.29 -12.80 -3.02
C GLY A 240 -25.76 -12.60 -4.41
N LEU A 241 -24.64 -11.88 -4.52
CA LEU A 241 -23.94 -11.77 -5.78
C LEU A 241 -23.91 -13.12 -6.47
N MET A 242 -23.40 -14.16 -5.87
CA MET A 242 -23.48 -15.43 -6.55
C MET A 242 -24.86 -16.05 -6.57
N TYR A 243 -25.48 -16.22 -5.42
CA TYR A 243 -26.64 -17.05 -5.38
C TYR A 243 -27.94 -16.40 -5.81
N ALA A 244 -27.98 -15.09 -5.99
CA ALA A 244 -29.24 -14.46 -6.41
C ALA A 244 -29.23 -14.05 -7.89
N ALA A 245 -28.17 -14.51 -8.60
CA ALA A 245 -27.92 -14.11 -9.99
C ALA A 245 -29.15 -14.36 -10.90
N PRO A 246 -29.80 -15.50 -10.73
CA PRO A 246 -31.07 -15.78 -11.40
C PRO A 246 -32.15 -14.69 -11.29
N LYS A 247 -32.15 -13.84 -10.27
CA LYS A 247 -33.18 -12.81 -10.17
C LYS A 247 -32.63 -11.43 -10.51
N ARG A 248 -31.34 -11.23 -10.28
CA ARG A 248 -30.65 -10.06 -10.75
C ARG A 248 -30.88 -9.88 -12.25
N LYS A 249 -31.29 -8.67 -12.64
CA LYS A 249 -31.51 -8.31 -14.06
C LYS A 249 -30.95 -6.90 -14.31
N SER A 250 -30.75 -6.66 -15.59
CA SER A 250 -30.24 -5.44 -16.19
C SER A 250 -29.70 -6.04 -17.47
N VAL A 251 -30.47 -6.01 -18.41
N ALA B 1 -3.31 -29.51 3.11
CA ALA B 1 -3.54 -28.66 1.90
C ALA B 1 -4.69 -27.64 2.12
N LEU B 2 -5.38 -27.72 3.25
CA LEU B 2 -6.41 -26.71 3.54
C LEU B 2 -6.16 -26.03 4.86
N LEU B 3 -6.21 -24.70 4.83
CA LEU B 3 -6.27 -23.87 6.07
C LEU B 3 -7.44 -24.37 6.87
N SER B 4 -7.35 -24.36 8.20
CA SER B 4 -8.44 -24.91 9.01
C SER B 4 -9.83 -24.42 8.73
N PHE B 5 -9.99 -23.22 8.20
CA PHE B 5 -11.29 -22.65 7.81
C PHE B 5 -11.61 -22.62 6.29
N GLU B 6 -10.76 -23.21 5.47
CA GLU B 6 -10.96 -23.07 4.07
C GLU B 6 -12.16 -23.80 3.41
N ARG B 7 -12.52 -24.97 3.91
CA ARG B 7 -13.46 -25.84 3.21
C ARG B 7 -14.78 -25.18 2.79
N LYS B 8 -15.36 -24.37 3.67
CA LYS B 8 -16.67 -23.76 3.38
C LYS B 8 -16.57 -22.78 2.27
N TYR B 9 -15.36 -22.30 1.98
CA TYR B 9 -15.25 -21.40 0.86
C TYR B 9 -15.08 -22.12 -0.45
N ARG B 10 -14.63 -23.39 -0.45
CA ARG B 10 -14.38 -24.01 -1.74
C ARG B 10 -15.65 -24.51 -2.41
N VAL B 11 -16.44 -23.63 -3.00
CA VAL B 11 -17.68 -24.11 -3.57
C VAL B 11 -17.57 -23.93 -5.05
N PRO B 12 -18.43 -24.56 -5.82
CA PRO B 12 -18.47 -24.36 -7.26
C PRO B 12 -18.90 -22.94 -7.64
N GLY B 13 -18.49 -22.42 -8.79
CA GLY B 13 -19.02 -21.15 -9.24
C GLY B 13 -17.99 -20.04 -9.37
N GLY B 14 -18.35 -19.04 -10.15
CA GLY B 14 -17.53 -17.88 -10.34
C GLY B 14 -16.70 -17.84 -11.59
N THR B 15 -16.54 -18.96 -12.28
CA THR B 15 -15.60 -19.00 -13.40
C THR B 15 -16.09 -18.09 -14.50
N LEU B 16 -15.18 -17.49 -15.26
CA LEU B 16 -15.68 -16.59 -16.32
C LEU B 16 -15.86 -17.37 -17.66
N VAL B 17 -15.11 -18.45 -17.83
CA VAL B 17 -15.16 -19.24 -19.03
C VAL B 17 -14.98 -20.71 -18.69
N GLY B 18 -15.64 -21.58 -19.42
CA GLY B 18 -15.41 -22.98 -19.21
C GLY B 18 -16.37 -23.67 -18.30
N GLY B 19 -17.29 -22.91 -17.67
CA GLY B 19 -18.22 -23.47 -16.72
C GLY B 19 -17.50 -24.28 -15.64
N ASN B 20 -17.79 -25.55 -15.50
CA ASN B 20 -17.18 -26.31 -14.44
C ASN B 20 -15.90 -27.03 -14.84
N LEU B 21 -15.56 -27.07 -16.13
CA LEU B 21 -14.34 -27.74 -16.62
C LEU B 21 -13.08 -27.51 -15.81
N PHE B 22 -12.76 -26.26 -15.52
CA PHE B 22 -11.50 -26.03 -14.86
C PHE B 22 -11.63 -25.54 -13.41
N ASP B 23 -12.81 -25.75 -12.85
CA ASP B 23 -13.13 -25.28 -11.56
C ASP B 23 -12.60 -26.23 -10.47
N PHE B 24 -11.29 -26.13 -10.20
CA PHE B 24 -10.67 -26.92 -9.16
C PHE B 24 -9.35 -26.33 -8.67
N TRP B 25 -8.77 -26.90 -7.59
CA TRP B 25 -7.46 -26.48 -7.07
C TRP B 25 -6.38 -27.54 -7.32
N VAL B 26 -5.13 -27.18 -7.13
CA VAL B 26 -4.04 -28.12 -7.19
C VAL B 26 -3.22 -27.61 -6.02
N GLY B 27 -3.28 -28.28 -4.88
CA GLY B 27 -2.66 -27.76 -3.69
C GLY B 27 -3.46 -26.51 -3.35
N PRO B 28 -2.77 -25.43 -2.96
CA PRO B 28 -3.44 -24.18 -2.61
C PRO B 28 -3.80 -23.39 -3.85
N PHE B 29 -3.45 -23.87 -4.99
CA PHE B 29 -3.63 -23.02 -6.14
C PHE B 29 -4.98 -23.13 -6.77
N TYR B 30 -5.66 -22.02 -6.97
CA TYR B 30 -6.93 -22.16 -7.69
C TYR B 30 -6.53 -22.34 -9.14
N VAL B 31 -7.26 -23.05 -9.98
CA VAL B 31 -6.75 -23.15 -11.33
C VAL B 31 -7.57 -22.30 -12.28
N GLY B 32 -8.69 -22.80 -12.73
CA GLY B 32 -9.46 -22.05 -13.70
C GLY B 32 -8.96 -22.03 -15.17
N PHE B 33 -9.79 -21.57 -16.08
CA PHE B 33 -9.39 -21.52 -17.44
C PHE B 33 -8.14 -20.69 -17.61
N PHE B 34 -8.16 -19.48 -17.09
CA PHE B 34 -6.96 -18.64 -17.03
C PHE B 34 -5.81 -19.22 -16.21
N GLY B 35 -6.02 -20.22 -15.37
CA GLY B 35 -4.93 -20.81 -14.66
C GLY B 35 -4.16 -21.52 -15.74
N VAL B 36 -4.94 -22.21 -16.56
CA VAL B 36 -4.39 -22.92 -17.71
C VAL B 36 -3.76 -21.95 -18.74
N ALA B 37 -4.42 -20.84 -18.98
CA ALA B 37 -3.88 -19.92 -19.95
C ALA B 37 -2.54 -19.49 -19.44
N THR B 38 -2.44 -19.06 -18.19
CA THR B 38 -1.13 -18.55 -17.83
C THR B 38 -0.03 -19.58 -17.85
N PHE B 39 -0.33 -20.85 -17.61
CA PHE B 39 0.74 -21.84 -17.68
C PHE B 39 1.26 -22.01 -19.12
N PHE B 40 0.32 -22.06 -20.04
CA PHE B 40 0.64 -22.16 -21.43
C PHE B 40 1.60 -21.05 -21.74
N PHE B 41 1.14 -19.80 -21.74
CA PHE B 41 1.99 -18.67 -22.06
C PHE B 41 3.26 -18.64 -21.18
N ALA B 42 3.23 -19.11 -19.96
CA ALA B 42 4.46 -19.00 -19.24
C ALA B 42 5.47 -20.00 -19.74
N ALA B 43 5.05 -21.24 -19.90
CA ALA B 43 5.95 -22.31 -20.35
C ALA B 43 6.55 -21.90 -21.69
N LEU B 44 5.67 -21.60 -22.62
CA LEU B 44 6.08 -21.16 -23.92
C LEU B 44 7.17 -20.10 -23.80
N GLY B 45 6.86 -18.99 -23.16
CA GLY B 45 7.82 -17.92 -23.00
C GLY B 45 9.14 -18.40 -22.41
N ILE B 46 9.05 -19.33 -21.50
CA ILE B 46 10.25 -19.79 -20.86
C ILE B 46 11.17 -20.56 -21.87
N ILE B 47 10.55 -21.45 -22.63
CA ILE B 47 11.19 -22.20 -23.67
C ILE B 47 11.88 -21.22 -24.61
N LEU B 48 11.14 -20.22 -25.09
CA LEU B 48 11.73 -19.33 -26.03
C LEU B 48 12.92 -18.58 -25.45
N ILE B 49 12.95 -18.40 -24.13
CA ILE B 49 14.06 -17.66 -23.52
C ILE B 49 15.23 -18.61 -23.53
N ALA B 50 14.99 -19.84 -23.15
CA ALA B 50 16.03 -20.87 -23.18
C ALA B 50 16.64 -20.99 -24.60
N TRP B 51 15.77 -21.15 -25.59
CA TRP B 51 16.21 -21.20 -26.93
C TRP B 51 17.06 -19.98 -27.13
N SER B 52 16.47 -18.84 -26.88
CA SER B 52 17.27 -17.64 -27.09
C SER B 52 18.66 -17.79 -26.37
N ALA B 53 18.70 -18.52 -25.27
CA ALA B 53 19.95 -18.67 -24.57
C ALA B 53 20.94 -19.42 -25.45
N VAL B 54 20.51 -20.43 -26.18
CA VAL B 54 21.52 -21.09 -27.02
C VAL B 54 22.07 -20.20 -28.15
N LEU B 55 21.25 -19.58 -28.98
CA LEU B 55 21.80 -18.68 -29.99
C LEU B 55 22.80 -17.70 -29.38
N GLN B 56 22.61 -17.30 -28.13
CA GLN B 56 23.52 -16.32 -27.57
C GLN B 56 24.87 -16.94 -27.21
N GLY B 57 24.86 -18.19 -26.80
CA GLY B 57 26.07 -18.80 -26.33
C GLY B 57 26.30 -18.74 -24.84
N THR B 58 25.23 -18.69 -24.04
CA THR B 58 25.33 -18.77 -22.57
C THR B 58 24.15 -19.38 -21.92
N TRP B 59 24.43 -19.92 -20.75
CA TRP B 59 23.39 -20.33 -19.83
C TRP B 59 23.48 -19.42 -18.61
N ASN B 60 24.56 -18.62 -18.50
CA ASN B 60 24.67 -17.69 -17.37
C ASN B 60 23.50 -16.68 -17.32
N PRO B 61 22.75 -16.76 -16.24
CA PRO B 61 21.57 -15.90 -16.02
C PRO B 61 21.96 -14.43 -15.85
N GLN B 62 23.17 -14.19 -15.42
CA GLN B 62 23.62 -12.81 -15.34
C GLN B 62 24.13 -12.31 -16.68
N LEU B 63 24.02 -13.10 -17.75
CA LEU B 63 24.41 -12.58 -19.06
C LEU B 63 23.32 -12.83 -20.03
N ILE B 64 22.53 -13.88 -19.88
CA ILE B 64 21.49 -14.05 -20.90
C ILE B 64 20.72 -12.74 -21.15
N SER B 65 20.48 -12.36 -22.39
CA SER B 65 19.67 -11.19 -22.65
C SER B 65 18.91 -11.20 -23.98
N VAL B 66 17.60 -11.02 -23.99
CA VAL B 66 16.88 -11.03 -25.27
C VAL B 66 16.59 -9.63 -25.85
N TYR B 67 17.26 -9.22 -26.94
CA TYR B 67 17.03 -7.85 -27.49
C TYR B 67 15.93 -7.74 -28.48
N PRO B 68 15.30 -6.60 -28.45
CA PRO B 68 14.31 -6.27 -29.47
C PRO B 68 14.98 -6.17 -30.87
N PRO B 69 14.19 -6.36 -31.92
CA PRO B 69 14.67 -6.16 -33.28
C PRO B 69 15.36 -4.80 -33.32
N ALA B 70 16.42 -4.68 -34.11
CA ALA B 70 17.07 -3.38 -34.27
C ALA B 70 16.16 -2.33 -34.94
N LEU B 71 16.52 -1.06 -34.77
CA LEU B 71 15.67 0.00 -35.34
C LEU B 71 15.33 -0.15 -36.79
N GLU B 72 16.25 -0.69 -37.59
CA GLU B 72 16.06 -0.81 -39.04
C GLU B 72 14.79 -1.55 -39.41
N TYR B 73 14.26 -2.36 -38.49
CA TYR B 73 13.06 -3.12 -38.84
C TYR B 73 11.79 -2.39 -38.58
N GLY B 74 11.92 -1.18 -38.03
CA GLY B 74 10.78 -0.36 -37.64
C GLY B 74 9.80 -1.23 -36.87
N LEU B 75 8.52 -1.10 -37.24
CA LEU B 75 7.47 -1.88 -36.61
C LEU B 75 7.16 -3.16 -37.34
N GLY B 76 8.16 -3.85 -37.85
CA GLY B 76 7.82 -5.05 -38.59
C GLY B 76 8.38 -6.23 -37.89
N GLY B 77 8.12 -7.42 -38.45
CA GLY B 77 8.62 -8.68 -37.92
C GLY B 77 10.14 -8.71 -38.02
N ALA B 78 10.76 -9.69 -37.42
CA ALA B 78 12.19 -9.74 -37.47
C ALA B 78 12.61 -11.17 -37.29
N PRO B 79 13.74 -11.51 -37.86
CA PRO B 79 14.18 -12.90 -37.78
C PRO B 79 14.39 -13.28 -36.32
N LEU B 80 13.96 -14.47 -35.93
CA LEU B 80 14.22 -14.95 -34.60
C LEU B 80 15.51 -14.36 -34.03
N ALA B 81 16.65 -14.86 -34.47
CA ALA B 81 17.90 -14.49 -33.82
C ALA B 81 18.16 -12.99 -33.71
N LYS B 82 17.58 -12.22 -34.59
CA LYS B 82 17.71 -10.79 -34.47
C LYS B 82 16.32 -10.33 -34.09
N GLY B 83 15.96 -10.45 -32.81
CA GLY B 83 14.72 -9.86 -32.30
C GLY B 83 13.28 -10.36 -32.56
N GLY B 84 13.14 -11.49 -33.25
CA GLY B 84 11.84 -12.11 -33.41
C GLY B 84 11.56 -12.82 -32.09
N LEU B 85 12.56 -13.49 -31.53
CA LEU B 85 12.32 -14.16 -30.25
C LEU B 85 11.79 -13.12 -29.22
N TRP B 86 12.36 -11.93 -29.20
CA TRP B 86 11.87 -10.97 -28.23
C TRP B 86 10.47 -10.67 -28.60
N GLN B 87 10.20 -10.54 -29.88
CA GLN B 87 8.83 -10.19 -30.27
C GLN B 87 7.80 -11.22 -29.78
N ILE B 88 8.04 -12.50 -30.03
CA ILE B 88 7.10 -13.54 -29.57
C ILE B 88 6.98 -13.56 -28.03
N ILE B 89 8.14 -13.63 -27.38
CA ILE B 89 8.13 -13.58 -25.91
C ILE B 89 7.24 -12.44 -25.35
N THR B 90 7.33 -11.27 -25.94
CA THR B 90 6.51 -10.17 -25.51
C THR B 90 5.02 -10.50 -25.70
N ILE B 91 4.66 -11.24 -26.74
CA ILE B 91 3.26 -11.61 -26.91
C ILE B 91 2.89 -12.52 -25.74
N CYS B 92 3.83 -13.40 -25.41
CA CYS B 92 3.67 -14.38 -24.40
C CYS B 92 3.52 -13.78 -23.02
N ALA B 93 4.32 -12.75 -22.74
CA ALA B 93 4.27 -12.04 -21.47
C ALA B 93 2.90 -11.43 -21.19
N THR B 94 2.44 -10.64 -22.15
CA THR B 94 1.15 -10.03 -22.17
C THR B 94 0.11 -11.10 -21.96
N GLY B 95 0.29 -12.24 -22.60
CA GLY B 95 -0.64 -13.32 -22.45
C GLY B 95 -0.65 -13.75 -21.00
N ALA B 96 0.54 -13.89 -20.41
CA ALA B 96 0.62 -14.37 -19.06
C ALA B 96 0.04 -13.37 -18.12
N PHE B 97 0.41 -12.10 -18.28
CA PHE B 97 -0.02 -11.09 -17.32
C PHE B 97 -1.51 -10.92 -17.30
N VAL B 98 -2.12 -10.81 -18.48
CA VAL B 98 -3.53 -10.51 -18.59
C VAL B 98 -4.28 -11.74 -18.10
N SER B 99 -3.75 -12.92 -18.41
CA SER B 99 -4.38 -14.12 -17.94
C SER B 99 -4.42 -14.14 -16.43
N TRP B 100 -3.34 -13.68 -15.77
CA TRP B 100 -3.25 -13.68 -14.33
C TRP B 100 -4.34 -12.72 -13.77
N ALA B 101 -4.42 -11.53 -14.29
CA ALA B 101 -5.45 -10.62 -13.89
C ALA B 101 -6.84 -11.27 -13.98
N LEU B 102 -7.17 -11.97 -15.04
CA LEU B 102 -8.54 -12.44 -15.11
C LEU B 102 -8.71 -13.65 -14.17
N ARG B 103 -7.61 -14.39 -13.95
CA ARG B 103 -7.67 -15.52 -13.03
C ARG B 103 -8.04 -14.94 -11.65
N GLU B 104 -7.52 -13.75 -11.39
CA GLU B 104 -7.75 -13.05 -10.14
C GLU B 104 -9.27 -12.68 -9.95
N VAL B 105 -9.82 -12.13 -11.01
CA VAL B 105 -11.18 -11.81 -11.11
C VAL B 105 -11.98 -13.07 -10.82
N GLU B 106 -11.53 -14.23 -11.30
CA GLU B 106 -12.36 -15.41 -11.03
C GLU B 106 -12.27 -15.77 -9.54
N ILE B 107 -11.08 -15.68 -8.98
CA ILE B 107 -10.93 -15.96 -7.57
C ILE B 107 -11.88 -14.99 -6.79
N CYS B 108 -11.92 -13.73 -7.22
CA CYS B 108 -12.82 -12.74 -6.67
C CYS B 108 -14.31 -13.17 -6.67
N ARG B 109 -14.85 -13.62 -7.79
CA ARG B 109 -16.25 -13.98 -7.81
C ARG B 109 -16.53 -15.16 -6.89
N LYS B 110 -15.65 -16.15 -6.91
CA LYS B 110 -15.92 -17.24 -6.03
C LYS B 110 -15.97 -16.75 -4.57
N LEU B 111 -15.11 -15.82 -4.16
CA LEU B 111 -15.08 -15.54 -2.75
C LEU B 111 -16.08 -14.48 -2.34
N GLY B 112 -16.79 -13.91 -3.33
CA GLY B 112 -17.75 -12.88 -2.99
C GLY B 112 -17.13 -11.57 -2.62
N ILE B 113 -15.86 -11.35 -2.93
CA ILE B 113 -15.27 -10.00 -2.61
C ILE B 113 -15.26 -9.08 -3.81
N GLY B 114 -14.81 -7.85 -3.59
CA GLY B 114 -14.73 -6.85 -4.64
C GLY B 114 -13.55 -7.08 -5.57
N TYR B 115 -13.55 -6.32 -6.65
CA TYR B 115 -12.60 -6.48 -7.72
C TYR B 115 -11.37 -5.57 -7.62
N HIS B 116 -11.18 -4.92 -6.50
CA HIS B 116 -10.05 -4.00 -6.35
C HIS B 116 -8.65 -4.60 -6.64
N ILE B 117 -8.42 -5.87 -6.45
CA ILE B 117 -7.04 -6.35 -6.63
C ILE B 117 -6.60 -6.46 -8.12
N PRO B 118 -7.34 -7.22 -8.92
CA PRO B 118 -7.09 -7.33 -10.36
C PRO B 118 -6.99 -5.94 -11.03
N PHE B 119 -7.83 -5.04 -10.58
CA PHE B 119 -7.86 -3.68 -11.06
C PHE B 119 -6.55 -2.95 -10.75
N ALA B 120 -6.02 -3.13 -9.54
CA ALA B 120 -4.75 -2.48 -9.25
C ALA B 120 -3.63 -3.19 -10.10
N PHE B 121 -3.72 -4.50 -10.26
CA PHE B 121 -2.75 -5.16 -11.00
C PHE B 121 -2.83 -4.59 -12.41
N ALA B 122 -4.01 -4.20 -12.90
CA ALA B 122 -4.00 -3.71 -14.29
C ALA B 122 -3.13 -2.46 -14.51
N PHE B 123 -2.99 -1.60 -13.50
CA PHE B 123 -2.08 -0.49 -13.67
C PHE B 123 -0.66 -0.96 -13.92
N ALA B 124 -0.28 -2.09 -13.36
CA ALA B 124 1.09 -2.56 -13.55
C ALA B 124 1.34 -3.03 -15.02
N ILE B 125 0.43 -3.82 -15.52
CA ILE B 125 0.39 -4.31 -16.86
C ILE B 125 0.46 -3.15 -17.86
N LEU B 126 -0.16 -2.06 -17.49
CA LEU B 126 -0.17 -0.90 -18.32
C LEU B 126 1.19 -0.21 -18.32
N ALA B 127 1.92 -0.25 -17.22
CA ALA B 127 3.27 0.32 -17.21
C ALA B 127 4.13 -0.52 -18.17
N TYR B 128 4.13 -1.81 -17.97
CA TYR B 128 4.82 -2.66 -18.91
C TYR B 128 4.43 -2.36 -20.39
N LEU B 129 3.14 -2.33 -20.72
CA LEU B 129 2.74 -2.10 -22.12
C LEU B 129 3.18 -0.70 -22.62
N THR B 130 3.21 0.28 -21.74
CA THR B 130 3.75 1.53 -22.18
C THR B 130 5.19 1.35 -22.72
N LEU B 131 6.08 0.69 -21.97
CA LEU B 131 7.44 0.57 -22.37
C LEU B 131 7.70 -0.36 -23.56
N VAL B 132 6.95 -1.43 -23.68
CA VAL B 132 7.29 -2.37 -24.70
C VAL B 132 6.36 -2.27 -25.86
N LEU B 133 5.29 -1.49 -25.74
CA LEU B 133 4.35 -1.53 -26.84
C LEU B 133 3.93 -0.18 -27.29
N PHE B 134 3.43 0.63 -26.37
CA PHE B 134 2.91 1.88 -26.80
C PHE B 134 3.96 2.82 -27.22
N ARG B 135 5.04 2.96 -26.41
CA ARG B 135 6.12 3.94 -26.73
C ARG B 135 6.75 3.55 -28.06
N PRO B 136 7.27 2.34 -28.15
CA PRO B 136 7.74 1.85 -29.44
C PRO B 136 6.82 2.22 -30.59
N VAL B 137 5.53 1.95 -30.47
CA VAL B 137 4.65 2.16 -31.60
C VAL B 137 4.51 3.62 -32.00
N MET B 138 4.35 4.54 -31.05
CA MET B 138 4.22 5.93 -31.42
C MET B 138 5.57 6.43 -31.90
N MET B 139 6.60 5.69 -31.53
CA MET B 139 7.92 6.10 -31.93
C MET B 139 8.38 5.49 -33.26
N GLY B 140 7.69 4.49 -33.80
CA GLY B 140 8.15 3.93 -35.04
C GLY B 140 9.01 2.68 -35.05
N ALA B 141 9.46 2.18 -33.88
CA ALA B 141 10.18 0.88 -33.86
C ALA B 141 10.27 0.12 -32.53
N TRP B 142 9.94 -1.17 -32.59
CA TRP B 142 10.20 -2.04 -31.48
C TRP B 142 11.57 -1.71 -30.89
N GLY B 143 12.53 -1.35 -31.71
CA GLY B 143 13.85 -1.02 -31.18
C GLY B 143 13.91 -0.10 -29.95
N TYR B 144 12.89 0.72 -29.68
CA TYR B 144 13.01 1.56 -28.49
C TYR B 144 12.59 0.84 -27.19
N ALA B 145 11.99 -0.34 -27.33
CA ALA B 145 11.61 -1.12 -26.19
C ALA B 145 12.85 -1.39 -25.32
N PHE B 146 12.75 -2.29 -24.34
CA PHE B 146 13.87 -2.59 -23.50
C PHE B 146 14.05 -4.09 -23.57
N PRO B 147 15.24 -4.52 -23.24
CA PRO B 147 15.58 -5.90 -23.42
C PRO B 147 15.41 -6.70 -22.17
N TYR B 148 15.17 -7.98 -22.35
CA TYR B 148 15.06 -8.93 -21.27
C TYR B 148 16.38 -9.58 -20.80
N GLY B 149 17.09 -8.88 -19.93
CA GLY B 149 18.07 -9.49 -19.08
C GLY B 149 18.25 -8.68 -17.79
N ILE B 150 18.72 -9.30 -16.69
CA ILE B 150 19.02 -8.61 -15.45
C ILE B 150 19.79 -7.31 -15.66
N TRP B 151 21.00 -7.39 -16.18
CA TRP B 151 21.76 -6.15 -16.32
C TRP B 151 21.53 -5.32 -17.58
N THR B 152 21.24 -5.99 -18.70
CA THR B 152 21.12 -5.25 -19.94
C THR B 152 19.96 -4.31 -19.76
N HIS B 153 18.91 -4.81 -19.12
CA HIS B 153 17.70 -4.01 -18.88
C HIS B 153 18.08 -2.77 -18.04
N LEU B 154 18.99 -2.90 -17.11
CA LEU B 154 19.42 -1.68 -16.47
C LEU B 154 20.10 -0.72 -17.45
N ASP B 155 20.99 -1.25 -18.30
CA ASP B 155 21.69 -0.35 -19.22
C ASP B 155 20.69 0.43 -20.01
N TRP B 156 19.65 -0.23 -20.56
CA TRP B 156 18.66 0.56 -21.27
C TRP B 156 18.08 1.68 -20.41
N VAL B 157 17.83 1.40 -19.15
CA VAL B 157 17.32 2.46 -18.32
C VAL B 157 18.33 3.56 -18.41
N SER B 158 19.55 3.32 -17.99
CA SER B 158 20.58 4.37 -18.03
C SER B 158 20.84 5.12 -19.39
N ASN B 159 20.92 4.38 -20.49
CA ASN B 159 21.12 5.08 -21.71
C ASN B 159 19.94 5.89 -22.07
N THR B 160 18.74 5.33 -21.86
CA THR B 160 17.60 6.05 -22.34
C THR B 160 17.38 7.32 -21.53
N GLY B 161 17.71 7.23 -20.28
CA GLY B 161 17.63 8.42 -19.49
C GLY B 161 18.61 9.42 -20.01
N TYR B 162 19.90 9.03 -20.08
CA TYR B 162 20.93 10.03 -20.47
C TYR B 162 20.73 10.59 -21.90
N THR B 163 19.98 9.88 -22.77
CA THR B 163 19.71 10.53 -23.97
C THR B 163 18.98 11.84 -23.88
N TYR B 164 18.47 12.20 -22.70
CA TYR B 164 17.78 13.46 -22.58
C TYR B 164 18.42 14.24 -21.54
N GLY B 165 19.68 13.92 -21.27
CA GLY B 165 20.43 14.65 -20.25
C GLY B 165 20.10 13.99 -18.92
N ASN B 166 20.09 14.77 -17.84
CA ASN B 166 19.67 14.24 -16.55
C ASN B 166 18.15 14.09 -16.47
N PHE B 167 17.68 12.87 -16.55
CA PHE B 167 16.25 12.58 -16.57
C PHE B 167 15.47 13.13 -15.35
N HIS B 168 16.21 13.47 -14.29
CA HIS B 168 15.61 14.13 -13.18
C HIS B 168 14.70 15.24 -13.67
N TYR B 169 14.98 15.84 -14.81
CA TYR B 169 14.20 17.02 -15.18
C TYR B 169 12.87 16.75 -15.91
N ASN B 170 12.58 15.49 -16.22
CA ASN B 170 11.28 15.17 -16.83
C ASN B 170 10.21 15.55 -15.73
N PRO B 171 9.32 16.49 -15.98
CA PRO B 171 8.43 16.94 -14.89
C PRO B 171 7.45 15.85 -14.39
N ALA B 172 7.07 14.93 -15.25
CA ALA B 172 6.12 13.93 -14.86
C ALA B 172 6.85 12.89 -14.01
N HIS B 173 8.16 12.92 -14.06
CA HIS B 173 9.02 11.91 -13.47
C HIS B 173 9.24 12.35 -12.05
N MET B 174 9.33 13.65 -11.86
CA MET B 174 9.37 14.21 -10.50
C MET B 174 8.07 13.84 -9.75
N ILE B 175 6.90 14.00 -10.40
CA ILE B 175 5.65 13.70 -9.73
C ILE B 175 5.71 12.24 -9.34
N ALA B 176 5.95 11.41 -10.31
CA ALA B 176 6.00 9.98 -10.09
C ALA B 176 6.93 9.62 -8.94
N ILE B 177 8.07 10.28 -8.83
CA ILE B 177 8.99 9.92 -7.75
C ILE B 177 8.36 10.25 -6.43
N SER B 178 7.74 11.40 -6.39
CA SER B 178 7.01 11.88 -5.22
C SER B 178 6.04 10.86 -4.64
N PHE B 179 5.16 10.35 -5.47
CA PHE B 179 4.29 9.35 -5.07
C PHE B 179 5.04 8.11 -4.58
N PHE B 180 6.07 7.62 -5.27
CA PHE B 180 6.86 6.49 -4.72
C PHE B 180 7.39 6.83 -3.33
N PHE B 181 7.96 8.00 -3.13
CA PHE B 181 8.55 8.19 -1.82
C PHE B 181 7.41 8.30 -0.80
N THR B 182 6.28 8.78 -1.28
CA THR B 182 5.22 9.04 -0.35
C THR B 182 4.57 7.72 0.03
N ASN B 183 4.36 6.89 -0.98
CA ASN B 183 3.72 5.62 -0.72
C ASN B 183 4.56 4.82 0.21
N ALA B 184 5.83 5.08 0.22
CA ALA B 184 6.68 4.22 1.04
C ALA B 184 6.54 4.69 2.44
N LEU B 185 6.60 6.00 2.63
CA LEU B 185 6.32 6.66 3.93
C LEU B 185 4.97 6.23 4.65
N ALA B 186 3.88 6.27 3.90
CA ALA B 186 2.61 5.74 4.36
C ALA B 186 2.68 4.23 4.74
N LEU B 187 3.37 3.43 3.95
CA LEU B 187 3.44 2.04 4.25
C LEU B 187 4.15 1.88 5.60
N ALA B 188 5.25 2.60 5.83
CA ALA B 188 5.96 2.42 7.11
C ALA B 188 5.05 2.81 8.19
N LEU B 189 4.38 3.97 8.02
CA LEU B 189 3.44 4.45 9.07
C LEU B 189 2.29 3.48 9.34
N HIS B 190 1.54 3.04 8.34
CA HIS B 190 0.45 2.09 8.62
C HIS B 190 0.92 0.84 9.36
N GLY B 191 1.99 0.22 8.85
CA GLY B 191 2.46 -0.99 9.46
C GLY B 191 2.79 -0.73 10.91
N ALA B 192 3.38 0.43 11.15
CA ALA B 192 3.85 0.75 12.49
C ALA B 192 2.67 1.07 13.44
N LEU B 193 1.65 1.76 12.92
CA LEU B 193 0.47 2.04 13.75
C LEU B 193 -0.25 0.78 14.26
N VAL B 194 -0.81 0.00 13.34
CA VAL B 194 -1.53 -1.21 13.66
C VAL B 194 -0.68 -2.10 14.60
N LEU B 195 0.59 -2.18 14.41
CA LEU B 195 1.34 -3.09 15.26
C LEU B 195 1.52 -2.55 16.64
N SER B 196 1.66 -1.24 16.77
CA SER B 196 1.93 -0.68 18.07
C SER B 196 0.64 -0.63 18.92
N ALA B 197 -0.52 -0.74 18.24
CA ALA B 197 -1.77 -0.83 18.94
C ALA B 197 -1.93 -2.32 19.31
N ALA B 198 -1.59 -3.20 18.39
CA ALA B 198 -1.69 -4.62 18.65
C ALA B 198 -0.68 -5.12 19.68
N ASN B 199 0.45 -4.41 19.74
CA ASN B 199 1.52 -4.86 20.60
C ASN B 199 1.99 -3.71 21.43
N PRO B 200 1.25 -3.43 22.50
CA PRO B 200 1.56 -2.25 23.34
C PRO B 200 2.58 -2.55 24.36
N GLU B 201 2.78 -1.62 25.27
CA GLU B 201 3.77 -1.90 26.29
C GLU B 201 3.53 -3.21 27.05
N LYS B 202 4.62 -3.89 27.39
CA LYS B 202 4.59 -5.14 28.15
C LYS B 202 3.53 -5.07 29.25
N GLY B 203 2.56 -5.99 29.20
CA GLY B 203 1.52 -6.00 30.22
C GLY B 203 0.27 -5.18 29.97
N LYS B 204 0.33 -4.08 29.22
CA LYS B 204 -0.91 -3.33 28.94
C LYS B 204 -1.87 -4.11 28.03
N GLU B 205 -3.06 -3.62 27.80
CA GLU B 205 -3.99 -4.39 26.99
C GLU B 205 -4.00 -3.83 25.57
N MET B 206 -4.58 -4.58 24.65
CA MET B 206 -4.60 -4.18 23.26
C MET B 206 -5.18 -2.79 23.11
N ARG B 207 -4.51 -1.89 22.40
CA ARG B 207 -5.07 -0.58 22.20
C ARG B 207 -6.15 -0.65 21.17
N THR B 208 -6.63 0.50 20.73
CA THR B 208 -7.83 0.49 19.89
C THR B 208 -7.69 1.49 18.75
N PRO B 209 -8.52 1.31 17.75
CA PRO B 209 -8.53 2.25 16.65
C PRO B 209 -8.46 3.63 17.26
N ASP B 210 -9.22 3.88 18.33
CA ASP B 210 -9.26 5.18 19.01
C ASP B 210 -7.86 5.63 19.39
N HIS B 211 -7.07 4.77 19.99
CA HIS B 211 -5.72 5.17 20.27
C HIS B 211 -4.94 5.53 18.96
N GLU B 212 -5.21 4.75 17.91
CA GLU B 212 -4.56 4.99 16.67
C GLU B 212 -4.83 6.40 16.22
N ASP B 213 -6.11 6.80 16.18
CA ASP B 213 -6.52 8.18 15.81
C ASP B 213 -5.94 9.17 16.82
N THR B 214 -5.94 8.80 18.08
CA THR B 214 -5.41 9.76 19.00
C THR B 214 -4.00 10.05 18.71
N PHE B 215 -3.19 8.97 18.62
CA PHE B 215 -1.73 9.03 18.39
C PHE B 215 -1.36 9.98 17.26
N PHE B 216 -2.07 9.80 16.16
CA PHE B 216 -1.83 10.65 15.01
C PHE B 216 -2.20 12.12 15.20
N ARG B 217 -3.39 12.38 15.80
CA ARG B 217 -3.81 13.76 16.09
C ARG B 217 -2.76 14.38 17.02
N ASP B 218 -2.43 13.67 18.08
CA ASP B 218 -1.48 14.21 19.02
C ASP B 218 -0.30 14.69 18.18
N LEU B 219 0.31 13.77 17.41
CA LEU B 219 1.53 14.03 16.62
C LEU B 219 1.45 15.05 15.49
N VAL B 220 0.51 14.94 14.56
CA VAL B 220 0.62 15.86 13.41
C VAL B 220 -0.62 16.68 13.25
N GLY B 221 -1.50 16.52 14.23
CA GLY B 221 -2.73 17.26 14.24
C GLY B 221 -3.80 16.72 13.32
N TYR B 222 -3.61 15.57 12.67
CA TYR B 222 -4.71 15.04 11.85
C TYR B 222 -4.65 13.54 11.81
N SER B 223 -5.73 12.84 11.48
CA SER B 223 -5.63 11.40 11.31
C SER B 223 -6.61 11.04 10.24
N ILE B 224 -6.20 10.28 9.27
CA ILE B 224 -7.06 10.00 8.12
C ILE B 224 -8.03 8.85 8.40
N GLY B 225 -7.71 8.02 9.39
CA GLY B 225 -8.55 6.89 9.75
C GLY B 225 -8.34 5.53 9.08
N THR B 226 -8.81 4.49 9.74
CA THR B 226 -8.62 3.22 9.25
C THR B 226 -9.20 2.98 7.88
N LEU B 227 -10.33 3.52 7.50
CA LEU B 227 -10.68 3.20 6.11
C LEU B 227 -9.81 4.04 5.16
N GLY B 228 -9.40 5.23 5.59
CA GLY B 228 -8.78 6.20 4.70
C GLY B 228 -7.37 5.82 4.38
N ILE B 229 -6.69 5.29 5.39
CA ILE B 229 -5.31 4.89 5.09
C ILE B 229 -5.26 3.77 4.08
N HIS B 230 -6.35 3.04 3.94
CA HIS B 230 -6.28 1.94 3.00
C HIS B 230 -6.60 2.56 1.63
N ARG B 231 -7.61 3.39 1.56
CA ARG B 231 -7.86 4.22 0.39
C ARG B 231 -6.58 4.96 -0.07
N LEU B 232 -5.82 5.58 0.82
CA LEU B 232 -4.63 6.30 0.49
C LEU B 232 -3.49 5.41 -0.11
N GLY B 233 -3.27 4.24 0.51
CA GLY B 233 -2.23 3.32 0.09
C GLY B 233 -2.56 2.98 -1.33
N LEU B 234 -3.69 2.35 -1.55
CA LEU B 234 -4.12 2.09 -2.89
C LEU B 234 -3.84 3.30 -3.84
N LEU B 235 -4.13 4.52 -3.41
CA LEU B 235 -4.01 5.67 -4.29
C LEU B 235 -2.59 6.17 -4.60
N LEU B 236 -1.78 6.36 -3.55
CA LEU B 236 -0.41 6.70 -3.71
C LEU B 236 0.23 5.68 -4.73
N SER B 237 0.04 4.41 -4.48
CA SER B 237 0.63 3.41 -5.28
C SER B 237 0.22 3.48 -6.72
N LEU B 238 -1.07 3.38 -6.96
CA LEU B 238 -1.49 3.41 -8.31
C LEU B 238 -1.11 4.72 -9.02
N SER B 239 -0.90 5.78 -8.25
CA SER B 239 -0.70 7.06 -8.84
C SER B 239 0.71 7.09 -9.29
N ALA B 240 1.60 6.60 -8.44
CA ALA B 240 3.01 6.50 -8.82
C ALA B 240 3.13 5.77 -10.18
N VAL B 241 2.50 4.64 -10.31
CA VAL B 241 2.78 3.93 -11.53
C VAL B 241 2.13 4.70 -12.62
N PHE B 242 1.11 5.47 -12.31
CA PHE B 242 0.43 6.11 -13.41
C PHE B 242 1.36 7.19 -13.99
N PHE B 243 2.06 7.88 -13.12
CA PHE B 243 2.89 8.94 -13.53
C PHE B 243 4.16 8.45 -14.23
N SER B 244 4.56 7.24 -13.89
CA SER B 244 5.68 6.55 -14.48
C SER B 244 5.30 6.35 -15.93
N ALA B 245 4.25 5.59 -16.17
CA ALA B 245 3.82 5.47 -17.55
C ALA B 245 3.80 6.83 -18.27
N LEU B 246 3.25 7.83 -17.62
CA LEU B 246 3.11 9.12 -18.25
C LEU B 246 4.47 9.75 -18.60
N CYS B 247 5.39 9.75 -17.64
CA CYS B 247 6.63 10.39 -17.87
C CYS B 247 7.34 9.74 -19.05
N MET B 248 7.17 8.44 -19.24
CA MET B 248 7.75 7.76 -20.38
C MET B 248 6.99 7.92 -21.72
N ILE B 249 5.68 7.87 -21.72
CA ILE B 249 4.98 7.99 -22.99
C ILE B 249 5.22 9.39 -23.63
N ILE B 250 5.53 10.40 -22.84
CA ILE B 250 5.78 11.68 -23.46
C ILE B 250 7.25 11.85 -23.90
N THR B 251 8.14 11.12 -23.27
CA THR B 251 9.53 11.22 -23.60
C THR B 251 9.79 10.50 -24.86
N GLY B 252 10.40 11.18 -25.81
CA GLY B 252 10.76 10.58 -27.07
C GLY B 252 9.66 10.81 -28.10
N THR B 253 8.55 11.43 -27.73
CA THR B 253 7.46 11.49 -28.70
C THR B 253 6.98 12.86 -28.83
N ILE B 254 6.73 13.52 -27.74
CA ILE B 254 6.37 14.90 -27.94
C ILE B 254 7.46 15.77 -27.41
N TRP B 255 8.34 15.19 -26.62
CA TRP B 255 9.46 15.95 -26.17
C TRP B 255 10.63 15.06 -26.47
N PHE B 256 11.59 15.55 -27.30
CA PHE B 256 12.77 14.75 -27.61
C PHE B 256 14.08 15.45 -27.32
N ASP B 257 14.00 16.65 -26.77
CA ASP B 257 15.20 17.42 -26.46
C ASP B 257 15.59 17.17 -25.03
N GLN B 258 16.53 17.92 -24.44
CA GLN B 258 16.96 17.63 -23.09
C GLN B 258 15.88 18.05 -22.14
N TRP B 259 15.57 17.23 -21.15
CA TRP B 259 14.55 17.66 -20.18
C TRP B 259 14.93 19.00 -19.47
N VAL B 260 16.19 19.21 -19.14
CA VAL B 260 16.47 20.47 -18.48
C VAL B 260 15.99 21.67 -19.28
N ASP B 261 16.09 21.67 -20.59
CA ASP B 261 15.72 22.88 -21.34
C ASP B 261 14.26 23.19 -21.29
N TRP B 262 13.44 22.14 -21.24
CA TRP B 262 12.01 22.33 -21.07
C TRP B 262 11.69 23.40 -19.96
N TRP B 263 12.48 23.52 -18.89
CA TRP B 263 12.13 24.51 -17.87
C TRP B 263 12.29 25.96 -18.30
N GLN B 264 12.78 26.20 -19.51
CA GLN B 264 12.95 27.56 -19.96
C GLN B 264 11.59 28.25 -20.10
N TRP B 265 10.51 27.51 -20.42
CA TRP B 265 9.21 28.17 -20.49
C TRP B 265 8.97 29.02 -19.24
N TRP B 266 9.09 28.39 -18.10
CA TRP B 266 8.98 29.16 -16.90
C TRP B 266 9.88 30.38 -16.94
N VAL B 267 11.16 30.18 -17.23
CA VAL B 267 12.14 31.24 -16.97
C VAL B 267 12.01 32.43 -17.93
N LYS B 268 11.42 32.14 -19.07
CA LYS B 268 11.22 33.11 -20.15
C LYS B 268 9.83 33.71 -20.17
N LEU B 269 9.18 33.84 -19.01
CA LEU B 269 7.91 34.57 -18.98
C LEU B 269 8.25 36.04 -19.15
N PRO B 270 7.46 36.78 -19.94
CA PRO B 270 7.79 38.18 -20.24
C PRO B 270 7.88 38.99 -18.98
N TRP B 271 6.97 38.79 -18.03
CA TRP B 271 7.10 39.43 -16.71
C TRP B 271 8.51 39.45 -16.05
N TRP B 272 9.39 38.48 -16.31
CA TRP B 272 10.72 38.45 -15.66
C TRP B 272 11.86 38.10 -16.56
N ALA B 273 11.49 37.67 -17.75
CA ALA B 273 12.44 37.22 -18.73
C ALA B 273 13.74 38.05 -18.81
N ASN B 274 13.65 39.38 -18.66
CA ASN B 274 14.86 40.17 -18.80
C ASN B 274 15.44 40.70 -17.51
N ILE B 275 14.59 41.03 -16.56
CA ILE B 275 15.08 41.54 -15.29
C ILE B 275 16.48 40.99 -14.97
N PRO B 276 17.43 41.88 -14.75
CA PRO B 276 18.81 41.47 -14.45
C PRO B 276 18.84 40.73 -13.14
N GLY B 277 19.96 40.11 -12.82
CA GLY B 277 20.11 39.46 -11.54
C GLY B 277 19.81 37.97 -11.48
N GLY B 278 19.53 37.54 -10.25
CA GLY B 278 19.29 36.16 -9.94
C GLY B 278 20.29 35.19 -10.53
N ILE B 279 19.78 34.10 -11.03
CA ILE B 279 20.62 33.01 -11.46
C ILE B 279 20.63 32.98 -12.97
N ASN B 280 19.51 33.38 -13.56
CA ASN B 280 19.28 33.33 -15.00
C ASN B 280 19.15 34.66 -15.72
N GLY B 281 20.02 35.58 -15.38
CA GLY B 281 20.03 36.87 -16.04
C GLY B 281 21.03 37.75 -15.33
N ALA C 1 -21.96 0.91 -11.15
CA ALA C 1 -22.63 -0.37 -10.74
C ALA C 1 -22.62 -0.51 -9.21
N GLU C 2 -21.83 -1.46 -8.74
CA GLU C 2 -21.69 -1.65 -7.32
C GLU C 2 -20.91 -0.44 -6.84
N TYR C 3 -21.05 -0.10 -5.57
CA TYR C 3 -20.22 0.92 -4.98
C TYR C 3 -18.80 0.29 -4.86
N GLN C 4 -17.73 1.09 -4.76
CA GLN C 4 -16.38 0.53 -4.62
C GLN C 4 -15.69 0.96 -3.34
N ASN C 5 -16.25 1.97 -2.68
CA ASN C 5 -15.67 2.40 -1.43
C ASN C 5 -14.41 3.25 -1.49
N ILE C 6 -14.25 4.03 -2.56
CA ILE C 6 -13.05 4.86 -2.66
C ILE C 6 -13.33 6.22 -2.02
N PHE C 7 -14.54 6.68 -2.21
CA PHE C 7 -15.05 7.86 -1.48
C PHE C 7 -16.32 7.46 -0.71
N SER C 8 -16.50 8.04 0.48
CA SER C 8 -17.72 7.80 1.28
C SER C 8 -18.91 8.31 0.49
N GLN C 9 -20.05 7.68 0.55
CA GLN C 9 -21.09 8.26 -0.26
C GLN C 9 -22.08 9.09 0.55
N VAL C 10 -21.80 9.18 1.86
CA VAL C 10 -22.56 9.92 2.85
C VAL C 10 -21.65 10.25 4.04
N GLN C 11 -21.55 11.51 4.43
CA GLN C 11 -20.74 11.78 5.63
C GLN C 11 -21.67 11.85 6.85
N VAL C 12 -21.06 11.92 8.02
CA VAL C 12 -21.82 11.87 9.25
C VAL C 12 -20.95 12.57 10.28
N ARG C 13 -21.46 13.63 10.88
CA ARG C 13 -20.68 14.33 11.86
C ARG C 13 -21.34 14.22 13.26
N GLY C 14 -20.50 14.30 14.30
CA GLY C 14 -20.89 14.20 15.68
C GLY C 14 -19.93 15.12 16.43
N PRO C 15 -19.98 15.17 17.75
CA PRO C 15 -19.10 16.08 18.49
C PRO C 15 -17.63 15.97 18.20
N ALA C 16 -16.89 17.07 18.14
CA ALA C 16 -15.44 16.95 18.03
C ALA C 16 -14.97 15.85 18.98
N ASP C 17 -13.96 15.10 18.61
CA ASP C 17 -13.48 14.05 19.50
C ASP C 17 -12.09 14.42 20.00
N LEU C 18 -11.90 14.40 21.31
CA LEU C 18 -10.70 14.89 21.97
C LEU C 18 -9.84 13.70 22.30
N GLY C 19 -10.23 12.56 21.82
CA GLY C 19 -9.32 11.43 21.95
C GLY C 19 -9.08 10.85 23.32
N MET C 20 -8.29 9.80 23.38
CA MET C 20 -8.02 9.11 24.62
C MET C 20 -7.05 9.84 25.48
N THR C 21 -7.05 9.43 26.73
CA THR C 21 -6.29 10.19 27.68
C THR C 21 -5.15 9.42 28.07
N GLU C 22 -5.38 8.18 28.46
CA GLU C 22 -4.30 7.38 29.05
C GLU C 22 -3.39 8.38 29.78
N ASP C 23 -2.14 8.05 29.94
CA ASP C 23 -1.25 8.95 30.62
C ASP C 23 -0.83 10.17 29.80
N VAL C 24 -1.71 11.01 29.31
CA VAL C 24 -1.21 12.11 28.48
C VAL C 24 -1.39 13.42 29.21
N ASN C 25 -0.45 14.35 29.15
CA ASN C 25 -0.80 15.59 29.79
C ASN C 25 -1.80 16.37 28.97
N LEU C 26 -3.10 16.25 29.27
CA LEU C 26 -4.09 17.07 28.55
C LEU C 26 -3.77 18.56 28.44
N ALA C 27 -2.83 19.03 29.25
CA ALA C 27 -2.57 20.46 29.28
C ALA C 27 -1.94 20.84 27.97
N ASN C 28 -1.42 19.87 27.24
CA ASN C 28 -0.74 20.24 26.02
C ASN C 28 -1.49 20.09 24.70
N ARG C 29 -2.76 19.72 24.70
CA ARG C 29 -3.44 19.58 23.46
C ARG C 29 -4.16 20.83 23.10
N SER C 30 -4.09 21.21 21.84
CA SER C 30 -4.81 22.37 21.38
C SER C 30 -6.29 22.10 21.44
N GLY C 31 -7.05 22.91 20.73
CA GLY C 31 -8.47 22.69 20.66
C GLY C 31 -8.67 21.96 19.37
N VAL C 32 -9.86 21.48 19.11
CA VAL C 32 -10.06 20.81 17.87
C VAL C 32 -10.25 21.86 16.84
N GLY C 33 -9.64 21.72 15.66
CA GLY C 33 -9.82 22.70 14.60
C GLY C 33 -11.13 22.42 13.90
N PRO C 34 -11.34 23.03 12.75
CA PRO C 34 -12.59 22.86 12.02
C PRO C 34 -12.77 21.42 11.50
N PHE C 35 -13.85 21.19 10.78
CA PHE C 35 -14.08 19.89 10.22
C PHE C 35 -13.97 20.10 8.73
N SER C 36 -13.10 19.39 8.03
CA SER C 36 -13.10 19.56 6.58
C SER C 36 -14.00 18.50 5.96
N THR C 37 -14.92 18.90 5.13
CA THR C 37 -15.84 18.02 4.47
C THR C 37 -15.17 17.49 3.23
N LEU C 38 -14.10 18.17 2.88
CA LEU C 38 -13.34 17.80 1.73
C LEU C 38 -12.63 16.50 2.10
N LEU C 39 -11.77 16.61 3.11
CA LEU C 39 -11.05 15.45 3.59
C LEU C 39 -12.09 14.34 3.83
N GLY C 40 -13.18 14.76 4.47
CA GLY C 40 -14.28 13.91 4.80
C GLY C 40 -14.81 12.96 3.77
N TRP C 41 -14.60 13.18 2.49
CA TRP C 41 -14.95 12.17 1.50
C TRP C 41 -13.92 11.00 1.38
N PHE C 42 -12.70 11.22 1.81
CA PHE C 42 -11.70 10.22 1.62
C PHE C 42 -11.43 9.53 2.93
N GLY C 43 -11.40 10.33 3.98
CA GLY C 43 -11.17 9.82 5.33
C GLY C 43 -11.86 10.66 6.40
N ASN C 44 -11.21 10.85 7.52
CA ASN C 44 -11.80 11.58 8.60
C ASN C 44 -11.81 13.12 8.43
N ALA C 45 -12.97 13.76 8.73
CA ALA C 45 -13.17 15.24 8.57
C ALA C 45 -12.52 16.08 9.69
N GLN C 46 -12.26 15.46 10.81
CA GLN C 46 -11.80 16.25 11.92
C GLN C 46 -10.41 16.77 11.80
N LEU C 47 -10.21 18.06 11.83
CA LEU C 47 -8.84 18.54 12.01
C LEU C 47 -8.61 18.73 13.49
N GLY C 48 -7.42 18.42 14.02
CA GLY C 48 -7.09 18.67 15.44
C GLY C 48 -7.82 17.79 16.44
N PRO C 49 -7.44 17.85 17.71
CA PRO C 49 -6.40 18.76 18.22
C PRO C 49 -5.03 18.19 17.98
N ILE C 50 -4.02 19.03 18.15
CA ILE C 50 -2.66 18.62 18.03
C ILE C 50 -2.11 18.67 19.43
N TYR C 51 -0.96 18.11 19.69
CA TYR C 51 -0.41 18.18 21.04
C TYR C 51 0.97 18.85 20.95
N LEU C 52 1.09 20.14 21.25
CA LEU C 52 2.40 20.74 21.30
C LEU C 52 2.89 20.52 22.67
N GLY C 53 4.12 20.90 22.95
CA GLY C 53 4.79 20.62 24.21
C GLY C 53 6.26 20.99 23.99
N SER C 54 7.05 21.02 25.06
CA SER C 54 8.46 21.42 24.92
C SER C 54 9.17 20.99 23.61
N LEU C 55 9.21 19.67 23.40
CA LEU C 55 9.92 19.04 22.26
C LEU C 55 9.25 19.41 20.95
N GLY C 56 7.92 19.48 20.97
CA GLY C 56 7.20 19.84 19.76
C GLY C 56 7.54 21.26 19.39
N VAL C 57 7.52 22.14 20.36
CA VAL C 57 7.82 23.54 20.07
C VAL C 57 9.28 23.67 19.72
N LEU C 58 10.14 22.95 20.43
CA LEU C 58 11.57 22.98 20.09
C LEU C 58 11.74 22.63 18.59
N SER C 59 11.29 21.43 18.28
CA SER C 59 11.33 20.91 16.93
C SER C 59 10.81 21.94 15.99
N LEU C 60 9.56 22.30 16.16
CA LEU C 60 8.90 23.20 15.23
C LEU C 60 9.63 24.53 15.07
N PHE C 61 10.16 25.08 16.15
CA PHE C 61 10.83 26.34 16.03
C PHE C 61 12.09 26.18 15.17
N SER C 62 12.90 25.14 15.41
CA SER C 62 14.09 24.93 14.57
C SER C 62 13.62 24.70 13.15
N GLY C 63 12.63 23.84 12.97
CA GLY C 63 12.08 23.60 11.67
C GLY C 63 12.06 24.85 10.82
N LEU C 64 11.39 25.88 11.34
CA LEU C 64 11.29 27.15 10.63
C LEU C 64 12.64 27.84 10.49
N MET C 65 13.41 27.82 11.56
CA MET C 65 14.73 28.44 11.44
C MET C 65 15.54 27.92 10.27
N TRP C 66 15.58 26.61 10.09
CA TRP C 66 16.28 26.00 8.95
C TRP C 66 15.56 26.49 7.69
N PHE C 67 14.26 26.23 7.59
CA PHE C 67 13.51 26.70 6.44
C PHE C 67 13.85 28.12 6.03
N PHE C 68 13.68 29.08 6.95
CA PHE C 68 13.96 30.50 6.67
C PHE C 68 15.42 30.77 6.40
N THR C 69 16.31 30.09 7.08
CA THR C 69 17.72 30.35 6.86
C THR C 69 18.06 30.20 5.37
N ILE C 70 17.56 29.12 4.79
CA ILE C 70 17.74 28.84 3.39
C ILE C 70 17.06 29.95 2.62
N GLY C 71 15.85 30.29 3.06
CA GLY C 71 15.04 31.34 2.44
C GLY C 71 15.70 32.71 2.41
N ILE C 72 16.35 33.11 3.50
CA ILE C 72 17.12 34.34 3.44
C ILE C 72 18.03 34.20 2.25
N TRP C 73 18.93 33.22 2.29
CA TRP C 73 19.86 33.03 1.20
C TRP C 73 19.19 33.21 -0.14
N PHE C 74 18.16 32.42 -0.42
CA PHE C 74 17.56 32.56 -1.74
C PHE C 74 17.26 34.00 -2.07
N TRP C 75 16.65 34.70 -1.10
CA TRP C 75 16.31 36.13 -1.25
C TRP C 75 17.53 36.92 -1.67
N TYR C 76 18.62 36.71 -0.95
CA TYR C 76 19.88 37.34 -1.28
C TYR C 76 20.36 36.98 -2.67
N GLN C 77 20.26 35.71 -3.05
CA GLN C 77 20.68 35.35 -4.39
C GLN C 77 19.87 36.12 -5.43
N ALA C 78 18.59 36.34 -5.18
CA ALA C 78 17.76 37.10 -6.11
C ALA C 78 18.15 38.58 -6.14
N GLY C 79 18.91 39.01 -5.14
CA GLY C 79 19.25 40.41 -5.04
C GLY C 79 17.93 41.06 -4.73
N TRP C 80 17.22 40.41 -3.83
CA TRP C 80 16.04 41.05 -3.30
C TRP C 80 14.83 41.33 -4.18
N ASN C 81 14.80 41.05 -5.48
CA ASN C 81 13.49 41.30 -6.09
C ASN C 81 12.51 40.15 -6.44
N PRO C 82 11.38 40.18 -5.76
CA PRO C 82 10.29 39.22 -5.90
C PRO C 82 10.15 38.54 -7.25
N ALA C 83 10.01 39.34 -8.30
CA ALA C 83 9.92 38.82 -9.66
C ALA C 83 11.05 37.81 -9.89
N VAL C 84 12.27 38.18 -9.51
CA VAL C 84 13.44 37.33 -9.67
C VAL C 84 13.40 36.09 -8.78
N PHE C 85 13.13 36.29 -7.48
CA PHE C 85 12.99 35.21 -6.52
C PHE C 85 12.05 34.15 -7.10
N LEU C 86 10.89 34.58 -7.55
CA LEU C 86 10.01 33.62 -8.14
C LEU C 86 10.63 33.02 -9.39
N ARG C 87 11.26 33.85 -10.22
CA ARG C 87 11.70 33.34 -11.52
C ARG C 87 12.69 32.20 -11.37
N ASP C 88 13.70 32.42 -10.53
CA ASP C 88 14.74 31.44 -10.40
C ASP C 88 14.62 30.56 -9.13
N LEU C 89 13.40 30.30 -8.68
CA LEU C 89 13.23 29.60 -7.39
C LEU C 89 13.95 28.28 -7.35
N PHE C 90 13.72 27.46 -8.35
CA PHE C 90 14.32 26.15 -8.44
C PHE C 90 15.80 26.21 -8.73
N PHE C 91 16.32 27.38 -9.08
CA PHE C 91 17.74 27.46 -9.39
C PHE C 91 18.59 27.94 -8.25
N PHE C 92 18.03 28.59 -7.25
CA PHE C 92 18.88 29.00 -6.14
C PHE C 92 19.37 27.76 -5.49
N SER C 93 20.28 27.88 -4.52
CA SER C 93 20.87 26.72 -3.87
C SER C 93 21.79 27.19 -2.78
N LEU C 94 21.77 26.56 -1.61
CA LEU C 94 22.69 26.93 -0.54
C LEU C 94 23.66 25.78 -0.40
N GLU C 95 24.92 25.99 -0.76
CA GLU C 95 25.91 24.90 -0.89
C GLU C 95 26.90 24.74 0.29
N PRO C 96 27.34 23.53 0.61
CA PRO C 96 28.25 23.35 1.76
C PRO C 96 29.54 24.14 1.55
N PRO C 97 30.35 24.25 2.58
CA PRO C 97 31.63 24.95 2.46
C PRO C 97 32.51 24.22 1.48
N ALA C 98 33.38 24.93 0.77
CA ALA C 98 34.31 24.29 -0.18
C ALA C 98 35.29 23.26 0.44
N PRO C 99 35.76 22.30 -0.36
CA PRO C 99 36.62 21.24 0.17
C PRO C 99 37.68 21.87 1.03
N GLU C 100 38.30 22.90 0.48
CA GLU C 100 39.28 23.70 1.18
C GLU C 100 39.10 23.80 2.72
N TYR C 101 37.87 23.97 3.22
CA TYR C 101 37.67 24.17 4.69
C TYR C 101 37.53 22.94 5.55
N GLY C 102 37.74 21.76 4.94
CA GLY C 102 37.57 20.48 5.63
C GLY C 102 36.28 20.36 6.45
N LEU C 103 36.47 19.81 7.65
CA LEU C 103 35.39 19.64 8.58
C LEU C 103 35.24 20.79 9.54
N SER C 104 35.99 21.88 9.38
CA SER C 104 35.92 22.95 10.37
C SER C 104 34.64 23.79 10.26
N PHE C 105 34.34 24.51 11.32
CA PHE C 105 33.22 25.44 11.30
C PHE C 105 33.72 26.85 11.01
N ALA C 106 34.85 26.98 10.34
CA ALA C 106 35.45 28.30 10.17
C ALA C 106 35.12 29.04 8.87
N ALA C 107 34.48 28.35 7.94
CA ALA C 107 34.15 28.95 6.65
C ALA C 107 33.26 30.18 6.78
N PRO C 108 33.49 31.20 5.95
CA PRO C 108 32.63 32.38 5.98
C PRO C 108 31.21 31.96 5.66
N LEU C 109 30.22 32.71 6.13
CA LEU C 109 28.84 32.46 5.79
C LEU C 109 28.74 32.23 4.31
N LYS C 110 29.06 33.24 3.53
CA LYS C 110 28.94 33.09 2.08
C LYS C 110 29.74 31.90 1.54
N GLU C 111 30.72 31.40 2.27
CA GLU C 111 31.47 30.26 1.76
C GLU C 111 30.97 28.97 2.39
N GLY C 112 29.81 29.04 3.03
CA GLY C 112 29.22 27.87 3.67
C GLY C 112 28.83 27.95 5.14
N GLY C 113 29.19 29.04 5.83
CA GLY C 113 28.80 29.20 7.22
C GLY C 113 27.28 29.07 7.38
N LEU C 114 26.54 29.70 6.46
CA LEU C 114 25.11 29.57 6.44
C LEU C 114 24.73 28.08 6.36
N TRP C 115 25.32 27.37 5.40
CA TRP C 115 25.00 25.95 5.21
C TRP C 115 25.01 25.21 6.55
N LEU C 116 26.07 25.46 7.33
CA LEU C 116 26.24 24.81 8.62
C LEU C 116 25.14 25.29 9.53
N ILE C 117 24.80 26.57 9.41
CA ILE C 117 23.82 27.05 10.31
C ILE C 117 22.51 26.30 10.07
N ALA C 118 22.02 26.36 8.84
CA ALA C 118 20.80 25.65 8.46
C ALA C 118 20.86 24.17 8.86
N SER C 119 22.00 23.53 8.57
CA SER C 119 22.09 22.12 8.90
C SER C 119 21.82 21.92 10.38
N PHE C 120 22.53 22.68 11.20
CA PHE C 120 22.41 22.65 12.64
C PHE C 120 20.94 22.65 12.98
N PHE C 121 20.22 23.64 12.43
CA PHE C 121 18.80 23.75 12.74
C PHE C 121 18.05 22.50 12.32
N MET C 122 18.35 21.97 11.14
CA MET C 122 17.66 20.77 10.70
C MET C 122 17.99 19.60 11.63
N PHE C 123 19.25 19.53 12.04
CA PHE C 123 19.62 18.44 12.93
C PHE C 123 18.72 18.42 14.18
N VAL C 124 18.65 19.51 14.91
CA VAL C 124 17.83 19.52 16.10
C VAL C 124 16.35 19.36 15.75
N ALA C 125 15.90 20.03 14.70
CA ALA C 125 14.53 19.85 14.30
C ALA C 125 14.15 18.36 14.17
N VAL C 126 14.99 17.57 13.51
CA VAL C 126 14.67 16.19 13.24
C VAL C 126 14.72 15.32 14.47
N TRP C 127 15.82 15.36 15.20
CA TRP C 127 15.89 14.44 16.32
C TRP C 127 14.80 14.82 17.33
N SER C 128 14.61 16.12 17.52
CA SER C 128 13.57 16.51 18.47
C SER C 128 12.22 15.90 17.98
N TRP C 129 11.93 16.00 16.70
CA TRP C 129 10.72 15.34 16.25
C TRP C 129 10.78 13.81 16.40
N TRP C 130 11.98 13.22 16.31
CA TRP C 130 12.06 11.78 16.54
C TRP C 130 11.57 11.45 17.96
N GLY C 131 12.15 12.11 18.97
CA GLY C 131 11.84 11.82 20.36
C GLY C 131 10.34 12.02 20.66
N ARG C 132 9.85 13.06 20.01
CA ARG C 132 8.45 13.37 20.15
C ARG C 132 7.73 12.12 19.67
N THR C 133 8.17 11.58 18.55
CA THR C 133 7.53 10.36 18.04
C THR C 133 7.44 9.24 19.10
N TYR C 134 8.49 8.97 19.85
CA TYR C 134 8.51 7.98 20.93
C TYR C 134 7.61 8.41 22.12
N LEU C 135 7.90 9.59 22.66
CA LEU C 135 7.13 10.12 23.76
C LEU C 135 5.63 10.06 23.51
N ARG C 136 5.20 10.52 22.36
CA ARG C 136 3.78 10.50 22.09
C ARG C 136 3.20 9.11 22.15
N ALA C 137 4.01 8.08 21.93
CA ALA C 137 3.51 6.71 22.02
C ALA C 137 3.52 6.14 23.47
N GLN C 138 4.44 6.66 24.28
CA GLN C 138 4.58 6.18 25.65
C GLN C 138 3.32 6.60 26.44
N ALA C 139 2.89 7.82 26.21
CA ALA C 139 1.76 8.30 26.89
C ALA C 139 0.60 7.37 26.57
N LEU C 140 0.42 6.95 25.33
CA LEU C 140 -0.76 6.12 25.06
C LEU C 140 -0.51 4.63 25.37
N GLY C 141 0.70 4.29 25.76
CA GLY C 141 1.02 2.91 26.06
C GLY C 141 1.07 2.03 24.84
N MET C 142 1.55 2.58 23.72
CA MET C 142 1.62 1.84 22.48
C MET C 142 3.03 1.37 22.28
N GLY C 143 3.23 0.38 21.42
CA GLY C 143 4.58 -0.09 21.15
C GLY C 143 5.34 1.04 20.47
N LYS C 144 6.66 0.85 20.30
CA LYS C 144 7.47 1.95 19.75
C LYS C 144 7.82 1.82 18.26
N HIS C 145 6.98 1.08 17.56
CA HIS C 145 7.10 0.84 16.16
C HIS C 145 7.33 2.09 15.35
N THR C 146 6.53 3.11 15.53
CA THR C 146 6.69 4.28 14.69
C THR C 146 8.06 4.88 14.91
N ALA C 147 8.60 4.76 16.11
CA ALA C 147 9.85 5.41 16.34
C ALA C 147 10.94 4.61 15.70
N TRP C 148 10.85 3.27 15.85
CA TRP C 148 11.83 2.37 15.23
C TRP C 148 11.79 2.55 13.71
N ALA C 149 10.62 2.59 13.11
CA ALA C 149 10.59 2.77 11.69
C ALA C 149 11.15 4.14 11.27
N PHE C 150 10.92 5.16 12.07
CA PHE C 150 11.33 6.51 11.67
C PHE C 150 12.84 6.63 11.75
N LEU C 151 13.43 5.78 12.57
CA LEU C 151 14.86 5.76 12.69
C LEU C 151 15.55 5.41 11.32
N SER C 152 15.01 4.39 10.66
CA SER C 152 15.43 3.95 9.34
C SER C 152 15.48 5.11 8.36
N ALA C 153 14.47 5.95 8.35
CA ALA C 153 14.51 7.11 7.46
C ALA C 153 15.65 8.05 7.90
N ILE C 154 15.67 8.35 9.19
CA ILE C 154 16.72 9.15 9.79
C ILE C 154 18.10 8.65 9.35
N TRP C 155 18.26 7.34 9.35
CA TRP C 155 19.55 6.68 8.93
C TRP C 155 20.12 7.23 7.59
N LEU C 156 19.40 7.02 6.48
CA LEU C 156 19.73 7.62 5.21
C LEU C 156 20.09 9.09 5.30
N TRP C 157 19.22 9.86 5.87
CA TRP C 157 19.43 11.27 6.03
C TRP C 157 20.74 11.53 6.76
N MET C 158 20.90 10.90 7.91
CA MET C 158 22.08 11.06 8.70
C MET C 158 23.33 10.70 7.92
N VAL C 159 23.21 9.66 7.08
CA VAL C 159 24.35 9.19 6.30
C VAL C 159 24.72 10.23 5.22
N LEU C 160 23.71 10.76 4.55
CA LEU C 160 23.89 11.71 3.49
C LEU C 160 24.50 13.06 3.85
N GLY C 161 24.32 13.56 5.07
CA GLY C 161 24.73 14.92 5.40
C GLY C 161 25.63 15.02 6.62
N PHE C 162 25.83 13.89 7.28
CA PHE C 162 26.57 13.91 8.48
C PHE C 162 27.63 12.87 8.48
N ILE C 163 27.21 11.60 8.51
CA ILE C 163 28.19 10.50 8.65
C ILE C 163 29.23 10.46 7.52
N ARG C 164 28.76 10.33 6.24
CA ARG C 164 29.63 10.28 5.07
C ARG C 164 30.57 11.49 4.98
N PRO C 165 30.03 12.71 5.06
CA PRO C 165 30.93 13.87 5.17
C PRO C 165 31.99 13.66 6.30
N ILE C 166 31.64 13.20 7.51
CA ILE C 166 32.66 13.10 8.55
C ILE C 166 33.74 12.17 8.08
N LEU C 167 33.36 11.02 7.50
CA LEU C 167 34.32 10.02 7.09
C LEU C 167 35.05 10.41 5.82
N MET C 168 34.61 11.43 5.13
CA MET C 168 35.33 11.74 3.92
C MET C 168 36.33 12.80 4.21
N GLY C 169 36.14 13.52 5.30
CA GLY C 169 37.01 14.62 5.64
C GLY C 169 36.46 16.00 5.33
N SER C 170 35.25 16.11 4.80
CA SER C 170 34.73 17.47 4.59
C SER C 170 33.25 17.67 4.28
N TRP C 171 32.69 18.74 4.83
CA TRP C 171 31.31 19.08 4.60
C TRP C 171 30.99 19.23 3.12
N SER C 172 32.01 19.31 2.26
CA SER C 172 31.68 19.60 0.87
C SER C 172 31.03 18.40 0.24
N GLU C 173 31.09 17.29 0.95
CA GLU C 173 30.52 16.06 0.47
C GLU C 173 29.00 16.02 0.64
N ALA C 174 28.49 16.90 1.51
CA ALA C 174 27.07 16.91 1.89
C ALA C 174 26.16 17.47 0.82
N VAL C 175 24.86 17.43 1.06
CA VAL C 175 23.92 17.85 0.00
C VAL C 175 23.62 19.32 0.09
N PRO C 176 23.57 20.02 -1.03
CA PRO C 176 23.23 21.46 -0.96
C PRO C 176 21.69 21.59 -0.83
N TYR C 177 21.18 22.70 -0.27
CA TYR C 177 19.74 22.88 -0.14
C TYR C 177 19.23 23.59 -1.38
N GLY C 178 18.58 22.89 -2.29
CA GLY C 178 18.07 23.54 -3.48
C GLY C 178 17.23 22.54 -4.27
N ILE C 179 16.17 23.00 -4.90
CA ILE C 179 15.39 22.06 -5.66
C ILE C 179 16.21 21.45 -6.80
N PHE C 180 16.57 22.21 -7.82
CA PHE C 180 17.40 21.63 -8.88
C PHE C 180 18.80 21.19 -8.42
N SER C 181 19.39 21.83 -7.41
CA SER C 181 20.75 21.42 -7.15
C SER C 181 20.88 20.08 -6.44
N HIS C 182 19.88 19.69 -5.66
CA HIS C 182 20.04 18.42 -4.99
C HIS C 182 19.80 17.32 -6.02
N LEU C 183 18.99 17.62 -7.02
CA LEU C 183 18.82 16.71 -8.13
C LEU C 183 20.22 16.46 -8.78
N ASP C 184 20.88 17.57 -9.16
CA ASP C 184 22.20 17.51 -9.76
C ASP C 184 23.17 16.77 -8.87
N TRP C 185 23.23 17.10 -7.59
CA TRP C 185 24.12 16.39 -6.69
C TRP C 185 23.87 14.89 -6.88
N THR C 186 22.62 14.49 -6.82
CA THR C 186 22.32 13.09 -6.96
C THR C 186 22.96 12.45 -8.20
N ASN C 187 22.71 13.06 -9.36
CA ASN C 187 23.23 12.56 -10.63
C ASN C 187 24.75 12.49 -10.60
N ASN C 188 25.29 13.56 -10.10
CA ASN C 188 26.68 13.67 -10.01
C ASN C 188 27.26 12.57 -9.15
N PHE C 189 26.60 12.27 -8.04
CA PHE C 189 27.12 11.27 -7.13
C PHE C 189 27.30 9.91 -7.82
N SER C 190 26.38 9.56 -8.70
CA SER C 190 26.47 8.26 -9.31
C SER C 190 27.63 8.25 -10.30
N LEU C 191 27.79 9.35 -11.05
CA LEU C 191 28.82 9.42 -12.12
C LEU C 191 30.24 9.28 -11.55
N VAL C 192 30.42 9.90 -10.41
CA VAL C 192 31.70 9.90 -9.80
C VAL C 192 31.99 8.60 -9.04
N HIS C 193 31.08 7.67 -8.97
CA HIS C 193 31.32 6.49 -8.12
C HIS C 193 31.14 5.35 -9.01
N GLY C 194 31.09 5.66 -10.29
CA GLY C 194 31.15 4.61 -11.27
C GLY C 194 29.83 4.01 -11.60
N ASN C 195 28.75 4.75 -11.39
CA ASN C 195 27.39 4.31 -11.72
C ASN C 195 26.78 3.41 -10.66
N LEU C 196 25.93 4.07 -9.85
CA LEU C 196 25.27 3.40 -8.74
C LEU C 196 24.45 2.19 -9.15
N PHE C 197 24.04 2.05 -10.41
CA PHE C 197 23.39 0.81 -10.76
C PHE C 197 24.30 -0.38 -10.45
N TYR C 198 25.57 -0.16 -10.10
CA TYR C 198 26.42 -1.33 -9.78
C TYR C 198 26.55 -1.57 -8.31
N ASN C 199 25.91 -0.70 -7.54
CA ASN C 199 25.92 -0.82 -6.10
C ASN C 199 24.86 -1.81 -5.64
N PRO C 200 25.29 -2.94 -5.11
CA PRO C 200 24.33 -4.02 -4.77
C PRO C 200 23.30 -3.47 -3.75
N PHE C 201 23.70 -2.66 -2.81
CA PHE C 201 22.68 -2.08 -1.95
C PHE C 201 21.67 -1.18 -2.69
N HIS C 202 22.17 -0.33 -3.59
CA HIS C 202 21.34 0.55 -4.40
C HIS C 202 20.21 -0.19 -5.04
N GLY C 203 20.45 -1.40 -5.43
CA GLY C 203 19.50 -2.07 -6.27
C GLY C 203 18.65 -2.89 -5.41
N LEU C 204 19.06 -3.04 -4.17
CA LEU C 204 18.22 -3.76 -3.19
C LEU C 204 17.21 -2.65 -2.69
N SER C 205 17.71 -1.45 -2.39
CA SER C 205 16.75 -0.37 -2.20
C SER C 205 15.68 -0.35 -3.32
N ILE C 206 16.04 -0.39 -4.61
CA ILE C 206 14.97 -0.31 -5.62
C ILE C 206 13.90 -1.36 -5.35
N ALA C 207 14.37 -2.55 -4.99
CA ALA C 207 13.52 -3.69 -4.85
C ALA C 207 12.53 -3.39 -3.75
N PHE C 208 13.00 -2.84 -2.64
CA PHE C 208 12.08 -2.55 -1.58
C PHE C 208 11.11 -1.37 -1.92
N LEU C 209 11.59 -0.36 -2.64
CA LEU C 209 10.80 0.74 -3.03
C LEU C 209 9.82 0.24 -4.04
N TYR C 210 10.18 -0.57 -4.99
CA TYR C 210 9.14 -1.04 -5.87
C TYR C 210 8.24 -1.89 -5.01
N GLY C 211 8.89 -2.59 -4.06
CA GLY C 211 8.23 -3.57 -3.24
C GLY C 211 7.07 -2.97 -2.46
N SER C 212 7.33 -1.78 -1.93
CA SER C 212 6.38 -1.09 -1.15
C SER C 212 5.33 -0.66 -2.07
N ALA C 213 5.61 -0.34 -3.29
CA ALA C 213 4.43 0.18 -3.96
C ALA C 213 3.59 -1.03 -4.17
N LEU C 214 4.21 -2.16 -4.52
CA LEU C 214 3.41 -3.32 -4.87
C LEU C 214 2.63 -3.80 -3.64
N LEU C 215 3.29 -3.83 -2.47
CA LEU C 215 2.63 -4.30 -1.27
C LEU C 215 1.46 -3.42 -0.84
N PHE C 216 1.61 -2.10 -0.93
CA PHE C 216 0.54 -1.27 -0.49
C PHE C 216 -0.61 -1.35 -1.42
N ALA C 217 -0.36 -1.57 -2.70
CA ALA C 217 -1.47 -1.77 -3.66
C ALA C 217 -2.19 -3.03 -3.31
N MET C 218 -1.40 -4.04 -2.96
CA MET C 218 -1.94 -5.32 -2.65
C MET C 218 -2.81 -5.22 -1.42
N HIS C 219 -2.22 -4.61 -0.39
CA HIS C 219 -2.87 -4.57 0.88
C HIS C 219 -4.19 -3.77 0.84
N GLY C 220 -4.00 -2.52 0.36
CA GLY C 220 -5.06 -1.56 0.28
C GLY C 220 -6.15 -2.09 -0.58
N ALA C 221 -5.83 -2.61 -1.73
CA ALA C 221 -6.93 -3.14 -2.50
C ALA C 221 -7.60 -4.31 -1.75
N THR C 222 -6.85 -5.09 -0.97
CA THR C 222 -7.44 -6.25 -0.33
C THR C 222 -8.47 -5.80 0.73
N ILE C 223 -8.03 -4.91 1.66
CA ILE C 223 -8.90 -4.30 2.66
C ILE C 223 -10.10 -3.62 2.00
N LEU C 224 -9.95 -2.92 0.90
CA LEU C 224 -11.21 -2.45 0.25
C LEU C 224 -12.06 -3.58 -0.21
N ALA C 225 -11.46 -4.64 -0.74
CA ALA C 225 -12.26 -5.74 -1.30
C ALA C 225 -13.06 -6.50 -0.24
N VAL C 226 -12.69 -6.37 1.04
CA VAL C 226 -13.38 -7.12 2.07
C VAL C 226 -13.96 -6.15 3.12
N SER C 227 -13.99 -4.90 2.72
CA SER C 227 -14.59 -3.97 3.60
C SER C 227 -16.13 -4.14 3.63
N ARG C 228 -16.73 -5.00 2.85
CA ARG C 228 -18.17 -5.24 2.93
C ARG C 228 -18.42 -6.26 4.06
N PHE C 229 -17.39 -6.60 4.82
CA PHE C 229 -17.48 -7.54 5.92
C PHE C 229 -16.62 -6.87 7.03
N GLY C 230 -16.38 -5.58 6.92
CA GLY C 230 -15.72 -4.97 8.04
C GLY C 230 -14.24 -4.97 8.09
N GLY C 231 -13.65 -5.40 6.96
CA GLY C 231 -12.23 -5.52 6.81
C GLY C 231 -11.40 -4.42 7.41
N GLU C 232 -11.76 -3.13 7.25
CA GLU C 232 -10.83 -2.10 7.76
C GLU C 232 -10.62 -2.15 9.23
N ARG C 233 -11.42 -2.96 9.91
CA ARG C 233 -11.37 -3.00 11.35
C ARG C 233 -10.35 -3.97 11.81
N GLU C 234 -9.12 -3.61 11.50
CA GLU C 234 -8.06 -4.60 11.64
C GLU C 234 -7.73 -5.13 13.04
N LEU C 235 -7.75 -4.24 14.03
CA LEU C 235 -7.42 -4.73 15.39
C LEU C 235 -8.42 -5.76 15.95
N GLU C 236 -9.66 -5.64 15.57
CA GLU C 236 -10.61 -6.56 16.17
C GLU C 236 -10.58 -7.84 15.37
N GLN C 237 -10.20 -7.73 14.07
CA GLN C 237 -10.04 -8.90 13.22
C GLN C 237 -8.82 -9.70 13.73
N ILE C 238 -7.89 -9.00 14.38
CA ILE C 238 -6.77 -9.67 15.03
C ILE C 238 -7.19 -10.43 16.27
N ALA C 239 -8.14 -9.89 17.03
CA ALA C 239 -8.53 -10.47 18.31
C ALA C 239 -9.61 -11.48 18.09
N ASP C 240 -10.36 -11.35 17.01
CA ASP C 240 -11.48 -12.26 16.79
C ASP C 240 -11.79 -12.32 15.27
N ARG C 241 -11.07 -13.21 14.58
CA ARG C 241 -11.04 -13.42 13.12
C ARG C 241 -12.40 -13.55 12.54
N GLY C 242 -12.67 -12.82 11.47
CA GLY C 242 -13.99 -12.86 10.93
C GLY C 242 -13.92 -13.25 9.49
N THR C 243 -15.01 -13.20 8.74
CA THR C 243 -14.91 -13.72 7.38
C THR C 243 -14.13 -12.77 6.47
N ALA C 244 -14.01 -11.49 6.86
CA ALA C 244 -13.24 -10.52 6.11
C ALA C 244 -11.83 -11.09 6.01
N ALA C 245 -11.21 -11.39 7.15
CA ALA C 245 -9.85 -11.87 7.17
C ALA C 245 -9.73 -13.25 6.47
N GLU C 246 -10.72 -14.10 6.65
CA GLU C 246 -10.63 -15.41 6.00
C GLU C 246 -10.61 -15.22 4.50
N ARG C 247 -11.62 -14.54 3.96
CA ARG C 247 -11.62 -14.36 2.52
C ARG C 247 -10.34 -13.61 1.98
N ALA C 248 -9.76 -12.76 2.79
CA ALA C 248 -8.57 -12.04 2.39
C ALA C 248 -7.38 -13.01 2.28
N ALA C 249 -7.16 -13.82 3.30
CA ALA C 249 -6.13 -14.84 3.24
C ALA C 249 -6.33 -15.77 2.03
N LEU C 250 -7.57 -16.12 1.77
CA LEU C 250 -7.78 -17.18 0.83
C LEU C 250 -7.69 -16.69 -0.56
N PHE C 251 -7.94 -15.42 -0.80
CA PHE C 251 -7.83 -14.93 -2.13
C PHE C 251 -6.37 -15.09 -2.48
N TRP C 252 -5.49 -14.78 -1.56
CA TRP C 252 -4.06 -14.79 -1.85
C TRP C 252 -3.49 -16.21 -1.89
N ARG C 253 -4.11 -17.12 -1.12
CA ARG C 253 -3.60 -18.45 -1.02
C ARG C 253 -3.96 -19.04 -2.37
N TRP C 254 -5.21 -18.90 -2.81
CA TRP C 254 -5.60 -19.43 -4.11
C TRP C 254 -4.86 -18.80 -5.31
N THR C 255 -4.28 -17.61 -5.10
CA THR C 255 -3.60 -16.91 -6.16
C THR C 255 -2.12 -17.27 -6.32
N MET C 256 -1.40 -17.39 -5.24
CA MET C 256 0.01 -17.51 -5.27
C MET C 256 0.47 -18.50 -4.24
N GLY C 257 -0.42 -19.21 -3.61
CA GLY C 257 0.02 -20.34 -2.81
C GLY C 257 0.32 -20.13 -1.35
N PHE C 258 0.34 -18.92 -0.90
CA PHE C 258 0.51 -18.68 0.51
C PHE C 258 -0.23 -17.35 0.85
N ASN C 259 -0.27 -17.02 2.15
CA ASN C 259 -0.97 -15.86 2.60
C ASN C 259 -0.43 -15.37 3.91
N ALA C 260 -1.22 -14.52 4.50
CA ALA C 260 -0.83 -13.88 5.70
C ALA C 260 -2.09 -13.85 6.62
N THR C 261 -1.83 -13.31 7.79
CA THR C 261 -2.80 -13.02 8.75
C THR C 261 -2.99 -11.51 8.79
N MET C 262 -4.07 -11.06 9.43
CA MET C 262 -4.27 -9.64 9.65
C MET C 262 -3.13 -8.97 10.43
N GLU C 263 -2.54 -9.64 11.39
CA GLU C 263 -1.43 -8.92 12.04
C GLU C 263 -0.22 -9.15 11.18
N GLY C 264 0.00 -10.40 10.71
CA GLY C 264 1.18 -10.62 9.86
C GLY C 264 1.38 -9.64 8.66
N ILE C 265 0.31 -9.23 8.01
CA ILE C 265 0.54 -8.42 6.86
C ILE C 265 1.23 -7.11 7.20
N HIS C 266 1.05 -6.66 8.45
CA HIS C 266 1.47 -5.34 8.86
C HIS C 266 2.92 -5.47 9.19
N LEU C 267 3.30 -6.66 9.51
CA LEU C 267 4.69 -6.93 9.78
C LEU C 267 5.52 -6.90 8.43
N TRP C 268 4.93 -7.51 7.39
CA TRP C 268 5.45 -7.50 6.03
C TRP C 268 5.49 -6.02 5.67
N ALA C 269 4.38 -5.31 5.85
CA ALA C 269 4.43 -3.90 5.51
C ALA C 269 5.51 -3.13 6.26
N ILE C 270 5.58 -3.22 7.57
CA ILE C 270 6.54 -2.38 8.17
C ILE C 270 7.90 -2.77 7.71
N TRP C 271 8.18 -4.03 7.42
CA TRP C 271 9.60 -4.31 6.97
C TRP C 271 9.90 -3.98 5.48
N MET C 272 9.00 -4.29 4.56
CA MET C 272 9.20 -3.91 3.17
C MET C 272 9.65 -2.50 3.09
N ALA C 273 8.95 -1.59 3.74
CA ALA C 273 9.23 -0.14 3.70
C ALA C 273 10.51 0.23 4.42
N VAL C 274 10.69 -0.26 5.62
CA VAL C 274 11.83 0.13 6.42
C VAL C 274 13.11 -0.22 5.73
N LEU C 275 13.11 -1.33 4.99
CA LEU C 275 14.37 -1.77 4.33
C LEU C 275 14.85 -0.88 3.15
N VAL C 276 13.94 -0.11 2.56
CA VAL C 276 14.26 0.88 1.57
C VAL C 276 15.34 1.82 2.06
N THR C 277 15.15 2.45 3.19
CA THR C 277 16.20 3.37 3.62
C THR C 277 17.32 2.69 4.34
N LEU C 278 17.13 1.44 4.78
CA LEU C 278 18.19 0.80 5.58
C LEU C 278 19.32 0.33 4.67
N THR C 279 18.96 -0.44 3.65
CA THR C 279 19.94 -0.85 2.67
C THR C 279 20.37 0.41 1.97
N GLY C 280 19.44 1.22 1.48
CA GLY C 280 19.87 2.44 0.84
C GLY C 280 20.97 3.20 1.59
N GLY C 281 20.96 3.20 2.91
CA GLY C 281 21.98 3.98 3.60
C GLY C 281 23.31 3.34 3.73
N ILE C 282 23.34 2.00 3.72
CA ILE C 282 24.58 1.26 3.65
C ILE C 282 25.18 1.59 2.27
N GLY C 283 24.36 1.37 1.24
CA GLY C 283 24.63 1.75 -0.12
C GLY C 283 25.42 3.03 -0.23
N ILE C 284 24.94 4.13 0.29
CA ILE C 284 25.67 5.38 0.17
C ILE C 284 26.92 5.46 1.08
N LEU C 285 26.83 4.80 2.23
CA LEU C 285 27.84 4.94 3.26
C LEU C 285 29.14 4.28 2.82
N LEU C 286 29.03 3.20 2.04
CA LEU C 286 30.20 2.50 1.53
C LEU C 286 30.67 3.19 0.27
N SER C 287 30.00 4.26 -0.14
CA SER C 287 30.45 4.89 -1.37
C SER C 287 31.47 5.96 -1.19
N GLY C 288 32.69 5.64 -1.63
CA GLY C 288 33.80 6.57 -1.61
C GLY C 288 34.53 6.62 -0.27
N THR C 289 34.23 5.69 0.59
CA THR C 289 34.91 5.59 1.84
C THR C 289 35.75 4.33 1.68
N VAL C 290 35.16 3.34 0.99
CA VAL C 290 35.64 1.98 0.90
C VAL C 290 35.55 1.52 -0.53
N VAL C 291 34.61 2.05 -1.32
CA VAL C 291 34.45 1.74 -2.72
C VAL C 291 34.43 3.05 -3.54
N ASP C 292 35.41 3.20 -4.43
CA ASP C 292 35.46 4.39 -5.27
C ASP C 292 34.68 4.20 -6.49
N ASN C 293 34.46 2.99 -6.91
CA ASN C 293 33.83 2.88 -8.17
C ASN C 293 33.02 1.59 -8.29
N TRP C 294 31.71 1.70 -8.30
CA TRP C 294 30.93 0.46 -8.33
C TRP C 294 31.17 -0.46 -9.55
N TYR C 295 31.48 0.12 -10.71
CA TYR C 295 31.91 -0.72 -11.85
C TYR C 295 33.12 -1.64 -11.56
N VAL C 296 34.16 -1.04 -11.00
CA VAL C 296 35.36 -1.75 -10.69
C VAL C 296 35.09 -2.86 -9.69
N TRP C 297 34.67 -2.46 -8.49
CA TRP C 297 34.27 -3.37 -7.40
C TRP C 297 33.53 -4.52 -8.01
N GLY C 298 32.51 -4.26 -8.82
CA GLY C 298 31.74 -5.35 -9.38
C GLY C 298 32.44 -6.32 -10.30
N GLN C 299 33.60 -5.91 -10.79
CA GLN C 299 34.40 -6.75 -11.66
C GLN C 299 35.17 -7.64 -10.73
N ASN C 300 35.77 -7.06 -9.67
CA ASN C 300 36.46 -7.88 -8.70
C ASN C 300 35.49 -8.56 -7.78
N HIS C 301 34.86 -7.72 -6.97
CA HIS C 301 33.97 -8.04 -5.85
C HIS C 301 34.89 -7.84 -4.67
N GLY C 302 35.33 -6.59 -4.54
CA GLY C 302 36.22 -6.25 -3.47
C GLY C 302 37.59 -6.22 -4.08
N MET C 303 37.81 -5.27 -4.84
N1 LDA D . 2.37 -23.21 3.35
O1 LDA D . 1.20 -22.89 3.17
CM1 LDA D . 2.95 -22.94 4.64
CM2 LDA D . 2.90 -24.15 2.36
C1 LDA D . 3.01 -22.02 2.68
C2 LDA D . 4.56 -21.92 2.71
C3 LDA D . 5.09 -20.48 2.59
C4 LDA D . 5.90 -20.15 1.34
C5 LDA D . 6.98 -19.10 1.63
C6 LDA D . 7.49 -18.37 0.37
C7 LDA D . 8.24 -17.08 0.74
C8 LDA D . 8.23 -16.08 -0.41
C9 LDA D . 8.97 -14.80 -0.07
C10 LDA D . 8.91 -13.75 -1.18
C11 LDA D . 9.86 -12.61 -0.81
C12 LDA D . 9.65 -11.35 -1.63
MG BCL E . 13.75 7.30 -13.08
CHA BCL E . 11.44 5.09 -14.63
CHB BCL E . 12.20 6.57 -10.14
CHC BCL E . 16.52 8.48 -11.44
CHD BCL E . 15.65 7.19 -16.05
NA BCL E . 12.10 5.96 -12.48
C1A BCL E . 11.15 5.35 -13.32
C2A BCL E . 9.90 4.92 -12.60
C3A BCL E . 10.14 5.54 -11.22
C4A BCL E . 11.56 6.03 -11.26
CMA BCL E . 9.18 6.74 -11.29
CAA BCL E . 10.09 3.46 -12.23
CBA BCL E . 8.95 2.61 -11.65
CGA BCL E . 8.00 2.09 -12.65
O1A BCL E . 7.84 2.54 -13.75
O2A BCL E . 7.25 1.05 -12.31
NB BCL E . 14.29 7.44 -11.10
C1B BCL E . 13.48 7.11 -10.05
C2B BCL E . 14.16 7.56 -8.87
C3B BCL E . 15.36 8.11 -9.25
C4B BCL E . 15.46 8.04 -10.68
CMB BCL E . 13.64 7.46 -7.45
CAB BCL E . 16.43 8.68 -8.42
OBB BCL E . 17.33 9.38 -8.83
CBB BCL E . 16.40 8.33 -6.97
NC BCL E . 15.78 7.71 -13.64
C1C BCL E . 16.71 8.21 -12.83
C2C BCL E . 18.01 8.54 -13.52
C3C BCL E . 17.76 8.10 -14.93
C4C BCL E . 16.33 7.62 -14.92
CMC BCL E . 18.26 10.02 -13.42
CAC BCL E . 18.72 6.94 -15.27
CBC BCL E . 20.21 7.18 -14.96
ND BCL E . 13.63 6.35 -14.96
C1D BCL E . 14.46 6.47 -16.08
C2D BCL E . 13.88 5.71 -17.13
C3D BCL E . 12.73 5.15 -16.65
C4D BCL E . 12.57 5.55 -15.31
CMD BCL E . 14.49 5.57 -18.51
CAD BCL E . 11.63 4.32 -16.95
OBD BCL E . 11.37 3.73 -18.01
CBD BCL E . 10.73 4.20 -15.64
CGD BCL E . 9.28 4.54 -15.95
O1D BCL E . 8.84 5.65 -15.68
O2D BCL E . 8.63 3.49 -16.58
CED BCL E . 7.27 3.54 -16.97
C1 BCL E . 6.27 0.47 -13.21
C2 BCL E . 6.30 -1.03 -12.90
C3 BCL E . 6.49 -1.96 -13.87
C4 BCL E . 6.67 -1.56 -15.35
C5 BCL E . 6.48 -3.45 -13.49
C6 BCL E . 5.48 -4.30 -14.29
C7 BCL E . 5.56 -5.77 -13.86
C8 BCL E . 4.77 -6.75 -14.73
C9 BCL E . 3.42 -6.18 -15.15
C10 BCL E . 4.58 -8.13 -14.08
C11 BCL E . 5.90 -8.84 -13.83
C12 BCL E . 5.71 -10.36 -13.85
C13 BCL E . 7.10 -10.93 -13.68
C14 BCL E . 7.76 -11.47 -14.93
C15 BCL E . 7.24 -11.79 -12.44
C16 BCL E . 7.38 -13.29 -12.55
C17 BCL E . 8.18 -13.65 -11.31
C18 BCL E . 7.92 -15.08 -10.89
C19 BCL E . 7.34 -15.81 -12.09
C20 BCL E . 6.91 -15.11 -9.74
MG BCL F . 13.43 -3.89 -13.37
CHA BCL F . 15.51 -4.00 -10.79
CHB BCL F . 12.52 -7.26 -12.75
CHC BCL F . 11.08 -3.69 -15.67
CHD BCL F . 14.16 -0.43 -13.66
NA BCL F . 13.92 -5.37 -12.00
C1A BCL F . 14.84 -5.20 -10.98
C2A BCL F . 15.08 -6.45 -10.15
C3A BCL F . 14.20 -7.45 -10.88
C4A BCL F . 13.48 -6.64 -11.92
CMA BCL F . 15.13 -8.41 -11.64
CAA BCL F . 14.41 -6.30 -8.80
CBA BCL F . 12.87 -6.16 -8.89
CGA BCL F . 12.02 -5.97 -7.68
O1A BCL F . 12.39 -6.06 -6.51
O2A BCL F . 10.75 -5.61 -7.94
NB BCL F . 11.99 -5.26 -14.10
C1B BCL F . 11.82 -6.57 -13.70
C2B BCL F . 10.70 -7.07 -14.52
C3B BCL F . 10.24 -6.07 -15.32
C4B BCL F . 11.04 -4.88 -15.03
CMB BCL F . 10.23 -8.44 -14.33
CAB BCL F . 9.14 -6.09 -16.30
OBB BCL F . 8.51 -5.08 -16.51
CBB BCL F . 8.61 -7.36 -16.92
NC BCL F . 12.79 -2.40 -14.43
C1C BCL F . 11.86 -2.55 -15.35
C2C BCL F . 11.62 -1.29 -16.16
C3C BCL F . 12.50 -0.30 -15.45
C4C BCL F . 13.24 -1.11 -14.45
CMC BCL F . 12.26 -1.49 -17.52
CAC BCL F . 11.55 0.57 -14.60
CBC BCL F . 10.54 -0.27 -13.77
ND BCL F . 14.51 -2.41 -12.45
C1D BCL F . 14.85 -1.11 -12.70
C2D BCL F . 15.91 -0.71 -11.78
C3D BCL F . 16.25 -1.77 -11.01
C4D BCL F . 15.37 -2.81 -11.46
CMD BCL F . 16.46 0.63 -11.79
CAD BCL F . 17.08 -2.30 -9.97
OBD BCL F . 18.02 -1.76 -9.39
CBD BCL F . 16.61 -3.78 -9.72
CGD BCL F . 17.89 -4.60 -9.75
O1D BCL F . 18.60 -4.62 -8.76
O2D BCL F . 18.23 -5.19 -10.93
CED BCL F . 19.47 -5.91 -11.00
C1 BCL F . 9.84 -5.41 -6.85
C2 BCL F . 9.01 -6.71 -6.91
C3 BCL F . 8.99 -7.65 -5.96
C4 BCL F . 9.77 -7.56 -4.65
C5 BCL F . 8.18 -8.88 -6.27
C6 BCL F . 9.19 -10.01 -6.61
C7 BCL F . 9.57 -9.98 -8.11
C8 BCL F . 10.73 -10.92 -8.45
C9 BCL F . 12.01 -10.58 -7.66
C10 BCL F . 10.88 -10.95 -9.99
C11 BCL F . 12.14 -11.59 -10.60
C12 BCL F . 11.83 -12.11 -12.02
C13 BCL F . 13.00 -12.78 -12.78
C14 BCL F . 14.39 -12.31 -12.34
C15 BCL F . 12.85 -12.50 -14.26
C16 BCL F . 11.85 -13.39 -14.96
C17 BCL F . 12.04 -14.87 -14.71
C18 BCL F . 11.40 -15.65 -15.87
C19 BCL F . 9.99 -15.21 -16.17
C20 BCL F . 11.36 -17.16 -15.65
C1 BPB G . 2.08 -14.54 -14.63
C2 BPB G . 3.48 -14.62 -15.36
C3 BPB G . 4.43 -15.53 -15.05
C4 BPB G . 4.30 -16.62 -13.95
C5 BPB G . 5.80 -15.54 -15.75
C6 BPB G . 5.64 -15.31 -17.24
C7 BPB G . 7.05 -14.96 -17.70
C8 BPB G . 7.19 -14.61 -19.17
C9 BPB G . 6.31 -15.50 -20.01
NA BPB G . 3.41 -8.26 -9.68
NB BPB G . 5.18 -6.05 -9.99
NC BPB G . 2.93 -3.97 -9.02
ND BPB G . 1.46 -6.19 -8.77
C10 BPB G . 8.70 -14.77 -19.43
C11 BPB G . 9.43 -13.55 -18.81
C12 BPB G . 9.13 -12.28 -19.59
C13 BPB G . 9.72 -11.07 -18.88
C14 BPB G . 9.54 -9.73 -19.59
C15 BPB G . 11.19 -11.24 -18.58
C16 BPB G . 11.73 -9.88 -18.10
C17 BPB G . 12.89 -10.10 -17.10
C18 BPB G . 13.43 -8.84 -16.41
C19 BPB G . 13.21 -7.54 -17.20
C1A BPB G . 2.41 -9.18 -9.56
O1A BPB G . 1.81 -12.24 -13.83
C1B BPB G . 6.09 -7.01 -10.25
C1C BPB G . 3.98 -3.18 -9.25
C1D BPB G . 0.53 -5.27 -8.26
O1D BPB G . 0.01 -11.70 -7.61
C20 BPB G . 14.88 -8.99 -15.96
C2A BPB G . 2.85 -10.58 -9.79
O2A BPB G . 2.36 -14.29 -13.24
C2B BPB G . 7.36 -6.33 -10.48
C2C BPB G . 3.78 -1.75 -8.84
C2D BPB G . -0.66 -6.02 -7.92
O2D BPB G . 1.29 -10.18 -6.65
C3A BPB G . 4.36 -10.41 -9.95
C3B BPB G . 7.12 -4.98 -10.32
C3C BPB G . 2.34 -1.77 -8.18
C3D BPB G . -0.45 -7.34 -8.20
C4A BPB G . 4.53 -8.94 -9.94
C4B BPB G . 5.74 -4.78 -9.99
C4C BPB G . 1.93 -3.22 -8.44
C4D BPB G . 0.86 -7.45 -8.71
CAA BPB G . 2.38 -11.07 -11.19
CAB BPB G . 8.08 -3.87 -10.49
CAC BPB G . 1.44 -0.68 -8.72
CAD BPB G . -1.08 -8.62 -8.12
CBA BPB G . 2.59 -12.57 -11.54
CBB BPB G . 8.20 -2.62 -9.71
OBB BPB G . 8.94 -3.99 -11.34
CBC BPB G . 0.36 -1.11 -9.70
CBD BPB G . -0.02 -9.59 -8.68
OBD BPB G . -2.24 -8.97 -7.75
CED BPB G . 1.67 -11.25 -5.75
CGA BPB G . 2.23 -12.98 -12.92
CGD BPB G . 0.41 -10.56 -7.61
CHA BPB G . 1.16 -8.74 -9.12
CHB BPB G . 5.81 -8.35 -10.22
CHC BPB G . 5.15 -3.55 -9.82
CHD BPB G . 0.75 -3.88 -8.13
CMA BPB G . 4.89 -10.88 -8.59
CMB BPB G . 8.68 -7.01 -10.81
CMC BPB G . 4.98 -1.09 -8.17
CMD BPB G . -1.91 -5.49 -7.36
MG BCL H . 15.00 14.91 -2.85
CHA BCL H . 12.37 15.02 -5.06
CHB BCL H . 13.09 16.89 -0.75
CHC BCL H . 16.94 13.95 -0.23
CHD BCL H . 16.55 12.58 -4.79
NA BCL H . 13.01 15.76 -2.90
C1A BCL H . 12.09 15.71 -3.92
C2A BCL H . 10.88 16.54 -3.70
C3A BCL H . 11.19 17.17 -2.34
C4A BCL H . 12.48 16.55 -1.96
CMA BCL H . 11.52 18.59 -2.70
CAA BCL H . 9.64 15.68 -3.40
CBA BCL H . 9.85 15.04 -2.04
CGA BCL H . 8.81 14.14 -1.57
O1A BCL H . 7.95 13.68 -2.31
O2A BCL H . 8.83 13.84 -0.24
NB BCL H . 15.02 15.32 -0.86
C1B BCL H . 14.14 16.18 -0.23
C2B BCL H . 14.51 16.20 1.16
C3B BCL H . 15.57 15.36 1.32
C4B BCL H . 15.92 14.79 0.04
CMB BCL H . 13.73 17.04 2.13
CAB BCL H . 16.30 15.06 2.55
OBB BCL H . 17.17 14.21 2.67
CBB BCL H . 15.94 15.91 3.73
NC BCL H . 16.46 13.46 -2.54
C1C BCL H . 17.27 13.38 -1.48
C2C BCL H . 18.60 12.66 -1.70
C3C BCL H . 18.44 12.23 -3.12
C4C BCL H . 17.11 12.78 -3.54
CMC BCL H . 19.85 13.51 -1.64
CAC BCL H . 18.40 10.72 -3.06
CBC BCL H . 17.02 10.22 -2.67
ND BCL H . 14.53 13.88 -4.55
C1D BCL H . 15.34 13.09 -5.31
C2D BCL H . 14.74 12.97 -6.62
C3D BCL H . 13.59 13.72 -6.55
C4D BCL H . 13.50 14.26 -5.29
CMD BCL H . 15.22 12.23 -7.85
CAD BCL H . 12.46 14.18 -7.34
OBD BCL H . 12.14 13.91 -8.51
CBD BCL H . 11.59 15.02 -6.38
CGD BCL H . 11.33 16.36 -6.97
O1D BCL H . 10.31 16.69 -7.50
O2D BCL H . 12.33 17.23 -6.92
CED BCL H . 12.01 18.48 -7.54
C1 BCL H . 7.84 12.95 0.32
C2 BCL H . 6.48 13.49 0.84
C3 BCL H . 6.26 14.27 1.92
C4 BCL H . 4.86 14.67 2.34
C5 BCL H . 7.39 14.82 2.78
C6 BCL H . 7.24 16.35 2.92
C7 BCL H . 6.91 17.07 1.60
C8 BCL H . 7.50 18.48 1.43
C9 BCL H . 7.31 19.05 0.02
C10 BCL H . 8.97 18.46 1.80
C11 BCL H . 9.62 19.57 1.00
C12 BCL H . 10.32 20.66 1.79
C13 BCL H . 10.79 21.50 0.61
C14 BCL H . 12.31 21.55 0.43
C15 BCL H . 10.17 22.90 0.56
C16 BCL H . 10.35 23.33 -0.88
C17 BCL H . 10.49 24.82 -1.04
C18 BCL H . 9.15 25.23 -1.58
C19 BCL H . 9.10 24.79 -3.05
C20 BCL H . 8.81 26.69 -1.32
MG BCL I . 18.83 5.95 -7.16
CHA BCL I . 18.86 6.61 -3.77
CHB BCL I . 15.68 4.59 -6.61
CHC BCL I . 18.45 5.67 -10.46
CHD BCL I . 21.51 8.15 -7.59
NA BCL I . 17.43 5.74 -5.42
C1A BCL I . 17.76 5.88 -4.09
C2A BCL I . 16.81 5.30 -3.13
C3A BCL I . 15.77 4.69 -4.09
C4A BCL I . 16.33 5.01 -5.46
CMA BCL I . 15.47 3.22 -3.89
CAA BCL I . 16.06 6.39 -2.38
CBA BCL I . 15.36 5.95 -1.10
CGA BCL I . 14.43 6.92 -0.58
O1A BCL I . 13.26 6.73 -0.38
O2A BCL I . 15.00 8.09 -0.33
NB BCL I . 17.31 5.31 -8.34
C1B BCL I . 16.13 4.71 -7.89
C2B BCL I . 15.42 4.26 -9.06
C3B BCL I . 16.20 4.57 -10.14
C4B BCL I . 17.41 5.22 -9.69
CMB BCL I . 14.08 3.53 -9.07
CAB BCL I . 15.99 4.30 -11.58
OBB BCL I . 16.93 4.53 -12.27
CBB BCL I . 14.74 3.78 -12.23
NC BCL I . 19.79 6.80 -8.74
C1C BCL I . 19.57 6.43 -10.01
C2C BCL I . 20.67 6.90 -10.96
C3C BCL I . 21.56 7.70 -10.05
C4C BCL I . 20.95 7.56 -8.70
CMC BCL I . 21.46 5.72 -11.51
CAC BCL I . 21.48 9.16 -10.48
CBC BCL I . 20.90 9.25 -11.89
ND BCL I . 19.96 7.18 -5.98
C1D BCL I . 21.10 7.94 -6.26
C2D BCL I . 21.65 8.42 -5.03
C3D BCL I . 20.82 7.91 -4.05
C4D BCL I . 19.77 7.17 -4.65
CMD BCL I . 22.87 9.28 -4.78
CAD BCL I . 20.58 7.88 -2.65
OBD BCL I . 21.23 8.40 -1.77
CBD BCL I . 19.35 6.98 -2.40
CGD BCL I . 20.02 5.73 -1.89
O1D BCL I . 19.83 5.25 -0.82
O2D BCL I . 20.96 5.11 -2.62
CED BCL I . 21.54 3.94 -1.97
C1 BCL I . 14.18 9.17 0.17
C2 BCL I . 14.20 9.23 1.69
C3 BCL I . 15.00 10.07 2.35
C4 BCL I . 15.96 10.98 1.59
C5 BCL I . 15.00 10.14 3.87
C6 BCL I . 14.23 11.37 4.35
C7 BCL I . 14.79 11.57 5.76
C8 BCL I . 14.43 12.84 6.52
C9 BCL I . 14.48 12.61 8.02
C10 BCL I . 13.14 13.50 6.09
C11 BCL I . 13.25 14.93 6.64
C12 BCL I . 12.18 15.95 6.25
C13 BCL I . 12.69 17.34 6.69
C14 BCL I . 12.79 17.48 8.20
C15 BCL I . 11.87 18.49 6.15
C16 BCL I . 10.39 18.18 6.14
C17 BCL I . 9.75 18.78 4.88
C18 BCL I . 8.66 19.78 5.26
C19 BCL I . 8.10 19.46 6.65
C20 BCL I . 7.55 19.88 4.21
N1 LDA J . 20.96 -7.53 -6.62
O1 LDA J . 21.14 -8.70 -6.47
CM1 LDA J . 20.92 -6.69 -5.47
CM2 LDA J . 21.95 -6.81 -7.39
C1 LDA J . 19.55 -7.49 -7.12
C2 LDA J . 18.64 -8.66 -6.60
C3 LDA J . 17.39 -8.23 -5.81
C4 LDA J . 16.32 -9.32 -5.71
C5 LDA J . 15.06 -8.87 -4.94
C6 LDA J . 14.65 -9.76 -3.78
C7 LDA J . 13.29 -9.36 -3.21
C8 LDA J . 13.21 -9.44 -1.68
C9 LDA J . 11.76 -9.42 -1.13
C10 LDA J . 11.62 -9.71 0.37
C11 LDA J . 10.55 -8.83 1.02
C12 LDA J . 10.78 -8.51 2.50
FE FE K . -4.04 -2.47 7.22
C1 BPB L . 10.84 18.56 11.61
C2 BPB L . 9.69 19.57 11.76
C3 BPB L . 9.90 20.65 11.03
C4 BPB L . 11.20 20.71 10.25
C5 BPB L . 8.99 21.85 10.84
C6 BPB L . 9.55 22.53 9.57
C7 BPB L . 8.56 23.31 8.69
C8 BPB L . 8.84 22.97 7.21
C9 BPB L . 10.34 22.80 7.01
NA BPB L . 9.01 12.10 7.21
NB BPB L . 10.16 11.51 4.65
NC BPB L . 10.25 8.48 5.15
ND BPB L . 9.08 9.07 7.65
C10 BPB L . 8.34 23.97 6.18
C11 BPB L . 7.37 25.04 6.69
C12 BPB L . 5.88 24.76 6.40
C13 BPB L . 5.33 24.92 4.95
C14 BPB L . 6.35 24.70 3.83
C15 BPB L . 4.54 26.22 4.73
C16 BPB L . 4.46 27.17 5.94
C17 BPB L . 5.73 28.00 6.16
C18 BPB L . 5.34 29.48 6.26
C19 BPB L . 6.14 30.36 5.29
C1A BPB L . 8.62 12.13 8.53
O1A BPB L . 11.13 15.76 11.48
C1B BPB L . 9.92 12.88 4.52
C1C BPB L . 10.74 8.50 3.93
C1D BPB L . 9.03 7.68 7.78
O1D BPB L . 6.14 12.16 11.62
C20 BPB L . 5.39 29.98 7.70
C2A BPB L . 8.25 13.51 9.02
O2A BPB L . 10.14 17.61 10.78
C2B BPB L . 10.41 13.24 3.22
C2C BPB L . 10.99 7.13 3.30
C2D BPB L . 8.47 7.41 9.07
O2D BPB L . 5.51 11.23 9.80
C3A BPB L . 8.44 14.36 7.75
C3B BPB L . 10.89 12.08 2.64
C3C BPB L . 10.43 6.23 4.42
C3D BPB L . 8.22 8.65 9.65
C4A BPB L . 9.01 13.37 6.76
C4B BPB L . 10.72 10.98 3.55
C4C BPB L . 10.04 7.19 5.51
C4D BPB L . 8.60 9.67 8.75
CAA BPB L . 9.30 14.03 10.00
CAB BPB L . 11.51 11.89 1.30
CAC BPB L . 11.33 5.17 5.01
CAD BPB L . 7.69 9.30 10.83
CBA BPB L . 9.41 15.55 9.86
CBB BPB L . 11.05 10.72 0.47
OBB BPB L . 12.34 12.70 0.89
CBC BPB L . 11.16 3.92 4.16
CBD BPB L . 7.78 10.83 10.60
OBD BPB L . 7.25 8.80 11.86
CED BPB L . 4.25 11.86 9.95
CGA BPB L . 10.28 16.28 10.78
CGD BPB L . 6.43 11.47 10.72
CHA BPB L . 8.44 10.96 9.22
CHB BPB L . 9.37 13.73 5.44
CHC BPB L . 11.08 9.70 3.30
CHD BPB L . 9.50 6.83 6.73
CMA BPB L . 7.03 14.58 7.21
CMB BPB L . 10.35 14.65 2.71
CMC BPB L . 10.48 6.84 1.89
CMD BPB L . 8.23 6.05 9.65
CMA SPN M . 9.16 33.13 0.82
O1 SPN M . 10.27 33.70 1.57
CM1 SPN M . 11.68 33.89 3.60
CM2 SPN M . 9.28 33.21 3.68
C1 SPN M . 10.55 33.15 2.88
C2 SPN M . 10.92 31.69 2.85
O2 SPN M . 11.03 31.15 3.95
C3 SPN M . 11.20 30.86 1.62
C4 SPN M . 12.02 29.78 1.80
C5 SPN M . 12.54 28.92 0.72
CM3 SPN M . 12.66 29.41 -0.68
C6 SPN M . 12.95 27.67 1.09
C7 SPN M . 13.46 26.58 0.25
C8 SPN M . 13.90 25.46 0.89
C9 SPN M . 14.34 24.23 0.22
CM4 SPN M . 13.89 23.94 -1.17
C10 SPN M . 15.06 23.28 0.83
C11 SPN M . 15.36 22.07 0.07
C12 SPN M . 15.98 21.10 0.78
C13 SPN M . 16.39 19.82 0.30
CM5 SPN M . 15.93 19.40 -1.07
C14 SPN M . 17.15 19.03 1.10
C15 SPN M . 17.65 17.67 0.73
C16 SPN M . 18.58 16.96 1.44
C17 SPN M . 19.23 17.50 2.76
C18 SPN M . 19.99 16.69 3.53
CM6 SPN M . 20.25 15.26 3.17
C19 SPN M . 20.56 17.23 4.77
C20 SPN M . 20.83 16.48 5.86
C21 SPN M . 21.39 17.19 7.01
C22 SPN M . 21.97 16.63 8.11
CM7 SPN M . 22.13 15.16 8.35
C23 SPN M . 22.47 17.63 9.07
C24 SPN M . 23.89 17.33 9.50
C25 SPN M . 24.29 18.40 10.44
C26 SPN M . 25.36 19.23 10.32
CM8 SPN M . 26.34 19.14 9.20
C27 SPN M . 25.57 20.23 11.40
C28 SPN M . 26.12 19.53 12.65
C29 SPN M . 26.64 20.52 13.64
C30 SPN M . 26.90 20.16 14.92
CM9 SPN M . 26.71 18.75 15.40
CMB SPN M . 27.41 21.18 15.90
C1 U10 N . -2.20 -9.27 1.50
C2 U10 N . -3.25 -8.79 2.42
C3 U10 N . -3.93 -9.71 3.40
C4 U10 N . -3.55 -11.13 3.38
C5 U10 N . -2.48 -11.61 2.43
C6 U10 N . -1.80 -10.68 1.51
C1M U10 N . -1.56 -8.31 0.56
C3M U10 N . -4.60 -8.25 5.18
C4M U10 N . -4.61 -11.84 5.52
C7 U10 N . -0.71 -11.21 0.62
C8 U10 N . 0.62 -10.63 1.07
C9 U10 N . 1.60 -11.38 1.62
C10 U10 N . 1.42 -12.83 1.90
C11 U10 N . 2.96 -10.80 2.00
C12 U10 N . 4.12 -11.28 1.10
C13 U10 N . 3.95 -10.94 -0.37
C14 U10 N . 4.84 -10.20 -1.09
C15 U10 N . 6.14 -9.70 -0.47
C16 U10 N . 4.58 -9.87 -2.55
C17 U10 N . 5.56 -10.68 -3.39
C18 U10 N . 4.93 -11.98 -3.84
C19 U10 N . 5.74 -12.92 -4.39
C20 U10 N . 7.14 -12.56 -4.67
C21 U10 N . 5.32 -14.33 -4.74
C22 U10 N . 4.86 -14.38 -6.19
C23 U10 N . 4.38 -15.74 -6.63
C24 U10 N . 3.47 -15.86 -7.63
C25 U10 N . 2.84 -14.68 -8.30
C26 U10 N . 2.97 -17.16 -8.14
C27 U10 N . 4.03 -18.24 -7.96
C28 U10 N . 3.57 -19.12 -9.07
C29 U10 N . 3.75 -20.43 -9.04
C30 U10 N . 4.78 -20.98 -8.07
C31 U10 N . 2.92 -21.27 -9.98
C32 U10 N . 2.05 -20.34 -10.84
C33 U10 N . 0.66 -20.94 -10.95
C34 U10 N . 0.00 -20.94 -12.14
C35 U10 N . 0.87 -20.78 -13.40
C36 U10 N . -1.36 -21.03 -12.22
C37 U10 N . -2.20 -22.27 -12.04
C38 U10 N . -1.41 -23.49 -11.56
C39 U10 N . -1.25 -24.65 -12.28
C40 U10 N . -0.17 -25.62 -11.82
C41 U10 N . -2.08 -25.01 -13.50
O2 U10 N . -3.56 -7.58 2.37
O3 U10 N . -4.95 -9.25 4.22
O4 U10 N . -4.12 -12.05 4.20
O5 U10 N . -2.07 -12.81 2.46
P PO4 O . 9.30 -5.95 14.90
O1 PO4 O . 10.34 -6.23 15.99
O2 PO4 O . 7.93 -5.99 15.54
O3 PO4 O . 9.58 -4.57 14.33
O4 PO4 O . 9.35 -7.03 13.81
#